data_7TQ5
#
_entry.id   7TQ5
#
_cell.length_a   55.381
_cell.length_b   98.439
_cell.length_c   59.285
_cell.angle_alpha   90.00
_cell.angle_beta   108.33
_cell.angle_gamma   90.00
#
_symmetry.space_group_name_H-M   'P 1 21 1'
#
loop_
_entity.id
_entity.type
_entity.pdbx_description
1 polymer '3C-like proteinase'
2 non-polymer '(1S,2S)-1-hydroxy-2-{[N-({[(1R,2R)-2-(4-methoxyphenyl)cyclopropyl]methoxy}carbonyl)-L-leucyl]amino}-3-[(3S)-2-oxopyrrolidin-3-yl]propane-1-sulfonic acid'
3 non-polymer '(1R,2S)-1-hydroxy-2-{[N-({[(1R,2R)-2-(4-methoxyphenyl)cyclopropyl]methoxy}carbonyl)-L-leucyl]amino}-3-[(3S)-2-oxopyrrolidin-3-yl]propane-1-sulfonic acid'
4 non-polymer 'CHLORIDE ION'
5 non-polymer 'TETRAETHYLENE GLYCOL'
6 water water
#
_entity_poly.entity_id   1
_entity_poly.type   'polypeptide(L)'
_entity_poly.pdbx_seq_one_letter_code
;SNIGSGFRKMAFPSGKVEGCMVQVTCGTTTLNGLWLDDVVYCPRHVICTSEDMLNPNYEDLLIRKSNHNFLVQAGNVQLR
VIGHSMQNCVLKLKVDTANPKTPKYKFVRIQPGQTFSVLACYNGSPSGVYQCAMRPNFTIKGSFLNGSCGSVGFNIDYDC
VSFCYMHHMELPTGVHAGTDLEGNFYGPFVDRQTAQAAGTDTTITVNVLAWLYAAVINGDRWFLNRFTTTLNDFNLVAMK
YNYEPLTQDHVDILGPLSAQTGIAVLDMCASLKELLQNGMNGRTILGSALLEDEFTPFDVVRQCSGVTF
;
_entity_poly.pdbx_strand_id   A,B
#
loop_
_chem_comp.id
_chem_comp.type
_chem_comp.name
_chem_comp.formula
CL non-polymer 'CHLORIDE ION' 'Cl -1'
IRW non-polymer '(1S,2S)-1-hydroxy-2-{[N-({[(1R,2R)-2-(4-methoxyphenyl)cyclopropyl]methoxy}carbonyl)-L-leucyl]amino}-3-[(3S)-2-oxopyrrolidin-3-yl]propane-1-sulfonic acid' 'C25 H37 N3 O9 S'
ITX non-polymer '(1R,2S)-1-hydroxy-2-{[N-({[(1R,2R)-2-(4-methoxyphenyl)cyclopropyl]methoxy}carbonyl)-L-leucyl]amino}-3-[(3S)-2-oxopyrrolidin-3-yl]propane-1-sulfonic acid' 'C25 H37 N3 O9 S'
PG4 non-polymer 'TETRAETHYLENE GLYCOL' 'C8 H18 O5'
#
# COMPACT_ATOMS: atom_id res chain seq x y z
N ARG A 8 -9.10 4.45 -0.15
CA ARG A 8 -7.75 4.00 -0.46
C ARG A 8 -6.93 3.68 0.80
N LYS A 9 -6.50 2.43 0.94
CA LYS A 9 -5.70 2.04 2.09
C LYS A 9 -4.27 2.55 1.88
N MET A 10 -3.83 3.45 2.76
CA MET A 10 -2.60 4.20 2.59
C MET A 10 -1.61 3.83 3.68
N ALA A 11 -0.41 3.45 3.29
CA ALA A 11 0.67 3.20 4.24
C ALA A 11 1.53 4.44 4.41
N PHE A 12 2.20 4.53 5.56
CA PHE A 12 3.20 5.56 5.74
C PHE A 12 4.39 5.35 4.80
N PRO A 13 5.03 6.43 4.37
CA PRO A 13 6.26 6.27 3.60
C PRO A 13 7.26 5.50 4.44
N SER A 14 7.91 4.54 3.82
CA SER A 14 8.74 3.56 4.54
C SER A 14 10.23 3.87 4.59
N GLY A 15 10.69 4.99 4.00
CA GLY A 15 12.13 5.23 3.90
C GLY A 15 12.84 5.24 5.24
N LYS A 16 12.26 5.87 6.25
CA LYS A 16 12.95 5.93 7.53
C LYS A 16 13.12 4.55 8.13
N VAL A 17 12.22 3.62 7.85
CA VAL A 17 12.39 2.25 8.37
C VAL A 17 13.34 1.43 7.48
N GLU A 18 13.30 1.65 6.16
CA GLU A 18 14.18 0.91 5.26
C GLU A 18 15.64 1.07 5.67
N GLY A 19 16.00 2.27 6.10
CA GLY A 19 17.38 2.53 6.48
C GLY A 19 17.82 1.82 7.73
N CYS A 20 16.91 1.10 8.38
CA CYS A 20 17.21 0.36 9.59
C CYS A 20 17.20 -1.15 9.40
N MET A 21 16.83 -1.65 8.21
CA MET A 21 16.67 -3.09 8.06
C MET A 21 18.01 -3.73 7.75
N VAL A 22 18.31 -4.83 8.45
CA VAL A 22 19.51 -5.63 8.23
C VAL A 22 19.14 -7.10 8.23
N GLN A 23 20.12 -7.92 7.85
CA GLN A 23 19.97 -9.36 7.81
C GLN A 23 20.70 -9.97 9.00
N VAL A 24 20.08 -10.96 9.63
CA VAL A 24 20.64 -11.66 10.80
C VAL A 24 20.61 -13.16 10.51
N THR A 25 21.76 -13.81 10.64
CA THR A 25 21.85 -15.23 10.39
C THR A 25 22.50 -15.91 11.59
N CYS A 26 21.89 -17.01 12.01
CA CYS A 26 22.46 -17.87 13.02
C CYS A 26 22.26 -19.30 12.53
N GLY A 27 23.37 -20.00 12.31
CA GLY A 27 23.30 -21.34 11.76
C GLY A 27 22.76 -21.31 10.33
N THR A 28 21.68 -22.04 10.09
CA THR A 28 21.01 -22.07 8.80
C THR A 28 19.69 -21.30 8.82
N THR A 29 19.50 -20.44 9.80
CA THR A 29 18.29 -19.62 9.89
C THR A 29 18.64 -18.17 9.57
N THR A 30 17.91 -17.57 8.64
CA THR A 30 18.13 -16.16 8.31
C THR A 30 16.80 -15.45 8.45
N LEU A 31 16.84 -14.28 9.08
CA LEU A 31 15.66 -13.41 9.10
C LEU A 31 16.16 -11.97 9.19
N ASN A 32 15.25 -11.04 9.44
CA ASN A 32 15.59 -9.62 9.42
C ASN A 32 15.80 -9.09 10.82
N GLY A 33 16.62 -8.04 10.93
CA GLY A 33 16.70 -7.27 12.14
C GLY A 33 16.52 -5.79 11.92
N LEU A 34 16.21 -5.10 13.01
CA LEU A 34 16.01 -3.67 13.06
C LEU A 34 17.19 -3.04 13.77
N TRP A 35 17.94 -2.21 13.05
CA TRP A 35 19.21 -1.64 13.52
C TRP A 35 19.00 -0.18 13.92
N LEU A 36 19.02 0.10 15.22
CA LEU A 36 18.80 1.43 15.74
C LEU A 36 19.99 1.78 16.62
N ASP A 37 20.60 2.94 16.36
CA ASP A 37 21.86 3.28 17.03
C ASP A 37 22.78 2.07 16.95
N ASP A 38 23.31 1.53 18.06
CA ASP A 38 24.23 0.41 17.93
C ASP A 38 23.62 -0.91 18.40
N VAL A 39 22.32 -1.09 18.23
CA VAL A 39 21.65 -2.31 18.65
C VAL A 39 20.84 -2.82 17.49
N VAL A 40 20.85 -4.13 17.26
CA VAL A 40 20.00 -4.79 16.27
C VAL A 40 18.99 -5.64 17.02
N TYR A 41 17.71 -5.42 16.71
CA TYR A 41 16.62 -6.15 17.34
C TYR A 41 16.10 -7.21 16.37
N CYS A 42 15.88 -8.42 16.85
CA CYS A 42 15.36 -9.45 15.96
C CYS A 42 14.64 -10.50 16.78
N PRO A 43 13.84 -11.35 16.12
CA PRO A 43 13.16 -12.43 16.84
C PRO A 43 14.18 -13.41 17.38
N ARG A 44 13.96 -13.84 18.62
CA ARG A 44 14.91 -14.75 19.24
C ARG A 44 14.88 -16.14 18.62
N HIS A 45 13.80 -16.54 17.93
CA HIS A 45 13.80 -17.88 17.37
C HIS A 45 14.84 -18.05 16.28
N VAL A 46 15.59 -17.02 15.91
CA VAL A 46 16.68 -17.20 14.98
C VAL A 46 17.71 -18.19 15.55
N ILE A 47 17.76 -18.35 16.87
CA ILE A 47 18.80 -19.22 17.43
C ILE A 47 18.37 -20.67 17.48
N CYS A 48 17.16 -20.99 17.01
CA CYS A 48 16.64 -22.34 17.09
C CYS A 48 17.04 -23.17 15.89
N THR A 49 17.06 -24.48 16.11
CA THR A 49 17.22 -25.49 15.08
C THR A 49 15.93 -26.29 15.00
N SER A 50 15.97 -27.44 14.32
CA SER A 50 14.79 -28.30 14.27
C SER A 50 14.55 -28.97 15.61
N GLU A 51 15.58 -29.59 16.18
CA GLU A 51 15.44 -30.31 17.45
C GLU A 51 15.05 -29.38 18.59
N ASP A 52 14.98 -28.07 18.31
CA ASP A 52 14.63 -27.02 19.28
C ASP A 52 13.21 -26.49 19.11
N MET A 53 12.67 -26.52 17.89
CA MET A 53 11.51 -25.72 17.53
C MET A 53 10.32 -26.00 18.44
N LEU A 54 10.14 -27.25 18.88
CA LEU A 54 8.88 -27.65 19.51
C LEU A 54 8.76 -27.21 20.96
N ASN A 55 9.88 -27.07 21.68
CA ASN A 55 9.86 -26.63 23.08
C ASN A 55 11.22 -26.02 23.35
N PRO A 56 11.49 -24.85 22.77
CA PRO A 56 12.81 -24.22 22.92
C PRO A 56 12.97 -23.56 24.28
N ASN A 57 13.99 -23.99 25.03
CA ASN A 57 14.31 -23.34 26.29
C ASN A 57 15.28 -22.24 25.94
N TYR A 58 14.72 -21.09 25.60
CA TYR A 58 15.51 -20.03 24.97
C TYR A 58 16.68 -19.57 25.84
N GLU A 59 16.51 -19.43 27.16
CA GLU A 59 17.63 -18.98 27.98
C GLU A 59 18.78 -19.98 27.90
N ASP A 60 18.43 -21.28 27.87
CA ASP A 60 19.42 -22.34 27.73
C ASP A 60 20.06 -22.32 26.34
N LEU A 61 19.25 -22.14 25.30
CA LEU A 61 19.80 -22.09 23.95
C LEU A 61 20.71 -20.88 23.78
N LEU A 62 20.37 -19.75 24.41
CA LEU A 62 21.13 -18.51 24.20
C LEU A 62 22.45 -18.50 24.97
N ILE A 63 22.50 -19.10 26.16
CA ILE A 63 23.75 -19.08 26.92
C ILE A 63 24.85 -19.86 26.20
N ARG A 64 24.46 -20.79 25.35
CA ARG A 64 25.36 -21.63 24.57
C ARG A 64 25.86 -20.93 23.30
N LYS A 65 25.40 -19.71 23.03
CA LYS A 65 25.80 -18.94 21.87
C LYS A 65 26.87 -17.91 22.21
N SER A 66 27.74 -17.65 21.24
CA SER A 66 28.75 -16.59 21.33
C SER A 66 28.39 -15.45 20.38
N ASN A 67 28.88 -14.26 20.71
CA ASN A 67 28.73 -13.10 19.80
C ASN A 67 29.01 -13.48 18.35
N HIS A 68 30.03 -14.33 18.12
CA HIS A 68 30.44 -14.65 16.76
C HIS A 68 29.53 -15.66 16.07
N ASN A 69 28.56 -16.24 16.76
CA ASN A 69 27.60 -17.09 16.07
C ASN A 69 26.55 -16.26 15.34
N PHE A 70 26.54 -14.95 15.51
CA PHE A 70 25.53 -14.08 14.90
C PHE A 70 26.18 -13.32 13.76
N LEU A 71 25.71 -13.58 12.53
CA LEU A 71 26.18 -12.87 11.34
C LEU A 71 25.15 -11.81 11.00
N VAL A 72 25.54 -10.55 11.12
CA VAL A 72 24.68 -9.41 10.81
C VAL A 72 25.24 -8.73 9.58
N GLN A 73 24.39 -8.52 8.57
CA GLN A 73 24.82 -7.87 7.33
C GLN A 73 23.90 -6.70 7.04
N ALA A 74 24.49 -5.52 6.83
CA ALA A 74 23.80 -4.33 6.34
C ALA A 74 24.31 -4.11 4.92
N GLY A 75 23.52 -4.53 3.95
CA GLY A 75 24.00 -4.48 2.58
C GLY A 75 25.20 -5.37 2.41
N ASN A 76 26.30 -4.80 1.92
CA ASN A 76 27.53 -5.56 1.70
C ASN A 76 28.38 -5.69 2.96
N VAL A 77 28.06 -4.95 4.00
CA VAL A 77 28.92 -4.79 5.16
C VAL A 77 28.45 -5.69 6.29
N GLN A 78 29.37 -6.44 6.88
CA GLN A 78 29.09 -7.19 8.08
C GLN A 78 29.30 -6.28 9.28
N LEU A 79 28.39 -6.36 10.25
CA LEU A 79 28.49 -5.61 11.50
C LEU A 79 28.90 -6.58 12.60
N ARG A 80 29.99 -6.27 13.29
CA ARG A 80 30.47 -7.18 14.32
C ARG A 80 29.61 -7.06 15.57
N VAL A 81 29.11 -8.19 16.03
CA VAL A 81 28.35 -8.29 17.27
C VAL A 81 29.33 -8.31 18.45
N ILE A 82 29.20 -7.33 19.35
CA ILE A 82 30.06 -7.21 20.53
C ILE A 82 29.31 -7.52 21.82
N GLY A 83 28.10 -8.07 21.75
CA GLY A 83 27.34 -8.30 22.95
C GLY A 83 25.93 -8.69 22.56
N HIS A 84 25.22 -9.44 23.40
CA HIS A 84 23.85 -9.82 23.11
C HIS A 84 23.07 -10.01 24.41
N SER A 85 21.77 -9.71 24.35
CA SER A 85 20.87 -9.98 25.45
C SER A 85 19.48 -10.24 24.89
N MET A 86 18.64 -10.83 25.72
CA MET A 86 17.30 -11.22 25.33
C MET A 86 16.30 -10.44 26.18
N GLN A 87 15.29 -9.86 25.54
CA GLN A 87 14.18 -9.22 26.23
C GLN A 87 12.92 -9.90 25.74
N ASN A 88 12.31 -10.74 26.57
CA ASN A 88 11.13 -11.51 26.16
C ASN A 88 11.46 -12.25 24.86
N CYS A 89 10.66 -12.10 23.78
CA CYS A 89 10.90 -12.88 22.56
C CYS A 89 11.78 -12.17 21.56
N VAL A 90 12.44 -11.07 21.93
CA VAL A 90 13.35 -10.33 21.06
CA VAL A 90 13.35 -10.37 21.04
C VAL A 90 14.78 -10.48 21.55
N LEU A 91 15.69 -10.66 20.62
CA LEU A 91 17.12 -10.66 20.87
C LEU A 91 17.65 -9.27 20.54
N LYS A 92 18.52 -8.75 21.39
CA LYS A 92 19.15 -7.46 21.19
C LYS A 92 20.63 -7.71 20.98
N LEU A 93 21.10 -7.48 19.74
CA LEU A 93 22.49 -7.69 19.38
C LEU A 93 23.21 -6.35 19.38
N LYS A 94 24.20 -6.20 20.26
CA LYS A 94 24.99 -4.97 20.28
C LYS A 94 26.06 -5.10 19.21
N VAL A 95 26.22 -4.04 18.40
CA VAL A 95 27.19 -4.04 17.33
C VAL A 95 28.15 -2.86 17.53
N ASP A 96 29.29 -2.93 16.86
CA ASP A 96 30.32 -1.92 17.06
C ASP A 96 30.13 -0.67 16.21
N THR A 97 29.07 -0.61 15.39
CA THR A 97 28.80 0.54 14.54
C THR A 97 27.43 1.11 14.87
N ALA A 98 27.32 2.44 14.87
CA ALA A 98 26.02 3.07 15.02
C ALA A 98 25.42 3.27 13.65
N ASN A 99 24.11 3.06 13.54
CA ASN A 99 23.41 3.32 12.28
C ASN A 99 23.24 4.82 12.06
N PRO A 100 23.93 5.43 11.11
CA PRO A 100 23.74 6.88 10.89
C PRO A 100 22.36 7.22 10.38
N LYS A 101 21.60 6.23 9.93
CA LYS A 101 20.25 6.47 9.39
C LYS A 101 19.17 6.25 10.45
N THR A 102 19.54 6.04 11.71
CA THR A 102 18.57 5.86 12.78
C THR A 102 17.63 7.05 12.86
N PRO A 103 16.33 6.86 12.73
CA PRO A 103 15.38 7.97 12.84
C PRO A 103 15.09 8.27 14.30
N LYS A 104 14.48 9.44 14.53
CA LYS A 104 13.83 9.66 15.80
C LYS A 104 12.76 8.58 15.96
N TYR A 105 12.75 7.90 17.10
CA TYR A 105 11.83 6.77 17.23
C TYR A 105 11.42 6.56 18.68
N LYS A 106 10.35 5.78 18.82
CA LYS A 106 9.99 5.22 20.11
C LYS A 106 9.34 3.87 19.87
N PHE A 107 9.28 3.09 20.94
CA PHE A 107 8.62 1.79 20.93
C PHE A 107 7.27 1.95 21.61
N VAL A 108 6.21 1.48 20.95
CA VAL A 108 4.87 1.56 21.52
C VAL A 108 4.21 0.21 21.41
N ARG A 109 3.25 -0.02 22.29
CA ARG A 109 2.42 -1.20 22.21
C ARG A 109 1.04 -0.73 21.80
N ILE A 110 0.54 -1.21 20.69
CA ILE A 110 -0.72 -0.67 20.18
C ILE A 110 -1.89 -1.48 20.73
N GLN A 111 -3.09 -0.85 20.69
CA GLN A 111 -4.36 -1.41 21.11
C GLN A 111 -5.04 -2.12 19.95
N PRO A 112 -5.83 -3.14 20.21
CA PRO A 112 -6.61 -3.73 19.12
C PRO A 112 -7.50 -2.66 18.50
N GLY A 113 -7.69 -2.76 17.19
CA GLY A 113 -8.42 -1.75 16.44
C GLY A 113 -7.54 -0.66 15.84
N GLN A 114 -6.35 -0.44 16.37
CA GLN A 114 -5.43 0.53 15.79
C GLN A 114 -4.74 -0.04 14.55
N THR A 115 -4.31 0.85 13.67
CA THR A 115 -3.69 0.48 12.41
C THR A 115 -2.22 0.88 12.41
N PHE A 116 -1.47 0.25 11.50
CA PHE A 116 -0.05 0.53 11.38
C PHE A 116 0.39 0.04 10.02
N SER A 117 1.53 0.55 9.58
CA SER A 117 2.12 0.10 8.34
C SER A 117 3.12 -1.00 8.60
N VAL A 118 3.20 -1.93 7.67
CA VAL A 118 4.16 -3.03 7.71
C VAL A 118 5.13 -2.89 6.57
N LEU A 119 6.43 -2.98 6.87
CA LEU A 119 7.47 -3.06 5.84
C LEU A 119 7.93 -4.49 5.79
N ALA A 120 7.42 -5.23 4.81
CA ALA A 120 7.80 -6.62 4.66
C ALA A 120 9.18 -6.70 4.03
N CYS A 121 10.08 -7.45 4.65
CA CYS A 121 11.45 -7.60 4.20
C CYS A 121 11.83 -9.06 4.14
N TYR A 122 12.84 -9.35 3.32
CA TYR A 122 13.43 -10.67 3.18
C TYR A 122 14.93 -10.50 3.02
N ASN A 123 15.69 -11.30 3.78
CA ASN A 123 17.15 -11.20 3.81
C ASN A 123 17.62 -9.76 4.03
N GLY A 124 16.96 -9.06 4.94
CA GLY A 124 17.34 -7.72 5.26
C GLY A 124 16.97 -6.68 4.22
N SER A 125 16.33 -7.08 3.11
CA SER A 125 15.95 -6.18 2.02
C SER A 125 14.45 -5.89 1.98
N PRO A 126 14.07 -4.62 1.99
CA PRO A 126 12.63 -4.27 1.91
C PRO A 126 11.98 -4.75 0.62
N SER A 127 10.78 -5.31 0.74
CA SER A 127 10.08 -5.88 -0.38
C SER A 127 8.73 -5.20 -0.65
N GLY A 128 7.98 -4.83 0.39
CA GLY A 128 6.70 -4.16 0.17
C GLY A 128 6.20 -3.48 1.42
N VAL A 129 5.23 -2.58 1.25
CA VAL A 129 4.67 -1.87 2.39
CA VAL A 129 4.67 -1.79 2.35
C VAL A 129 3.16 -1.86 2.26
N TYR A 130 2.49 -2.05 3.40
CA TYR A 130 1.05 -2.09 3.41
C TYR A 130 0.55 -1.82 4.81
N GLN A 131 -0.73 -1.47 4.88
CA GLN A 131 -1.42 -1.15 6.11
C GLN A 131 -2.15 -2.37 6.66
N CYS A 132 -2.08 -2.54 7.98
CA CYS A 132 -2.62 -3.67 8.75
C CYS A 132 -3.38 -3.06 9.92
N ALA A 133 -4.29 -3.82 10.52
CA ALA A 133 -4.83 -3.43 11.80
C ALA A 133 -4.54 -4.54 12.82
N MET A 134 -4.31 -4.15 14.05
CA MET A 134 -4.28 -5.13 15.14
C MET A 134 -5.71 -5.64 15.38
N ARG A 135 -5.94 -6.92 15.12
CA ARG A 135 -7.30 -7.46 15.25
C ARG A 135 -7.68 -7.52 16.73
N PRO A 136 -8.98 -7.55 17.03
CA PRO A 136 -9.40 -7.71 18.41
C PRO A 136 -8.88 -8.98 19.07
N ASN A 137 -8.69 -10.07 18.31
CA ASN A 137 -8.09 -11.30 18.82
C ASN A 137 -6.57 -11.28 18.71
N PHE A 138 -5.97 -10.11 18.44
CA PHE A 138 -4.54 -9.87 18.50
C PHE A 138 -3.76 -10.63 17.43
N THR A 139 -4.41 -11.04 16.36
CA THR A 139 -3.71 -11.41 15.14
C THR A 139 -3.63 -10.21 14.20
N ILE A 140 -2.88 -10.36 13.11
CA ILE A 140 -2.90 -9.40 12.02
C ILE A 140 -3.04 -10.14 10.71
N LYS A 141 -3.84 -9.58 9.82
CA LYS A 141 -4.02 -10.19 8.50
C LYS A 141 -2.96 -9.58 7.61
N GLY A 142 -1.79 -10.21 7.60
CA GLY A 142 -0.65 -9.70 6.88
C GLY A 142 -0.38 -10.53 5.64
N SER A 143 0.70 -10.16 4.96
CA SER A 143 1.19 -10.89 3.79
C SER A 143 2.67 -11.09 4.10
N PHE A 144 2.95 -12.26 4.64
CA PHE A 144 4.29 -12.60 5.10
C PHE A 144 4.58 -14.01 4.63
N LEU A 145 5.77 -14.19 4.06
CA LEU A 145 6.26 -15.48 3.61
C LEU A 145 7.48 -15.93 4.44
N ASN A 146 8.01 -17.10 4.09
CA ASN A 146 9.26 -17.53 4.71
C ASN A 146 10.31 -16.45 4.64
N GLY A 147 11.03 -16.25 5.75
CA GLY A 147 12.08 -15.28 5.78
C GLY A 147 11.64 -13.88 6.14
N SER A 148 10.34 -13.68 6.38
CA SER A 148 9.82 -12.34 6.70
C SER A 148 9.97 -11.97 8.17
N CYS A 149 10.32 -12.92 9.05
CA CYS A 149 10.40 -12.60 10.47
C CYS A 149 11.39 -11.46 10.72
N GLY A 150 11.06 -10.63 11.68
CA GLY A 150 11.81 -9.44 11.93
C GLY A 150 11.36 -8.22 11.15
N SER A 151 10.52 -8.40 10.14
CA SER A 151 9.81 -7.26 9.58
C SER A 151 9.03 -6.55 10.68
N VAL A 152 8.90 -5.22 10.56
CA VAL A 152 8.30 -4.44 11.64
C VAL A 152 7.11 -3.68 11.13
N GLY A 153 6.26 -3.32 12.09
CA GLY A 153 5.13 -2.45 11.86
C GLY A 153 5.32 -1.14 12.60
N PHE A 154 4.77 -0.06 12.05
CA PHE A 154 5.11 1.25 12.57
C PHE A 154 4.07 2.27 12.15
N ASN A 155 4.07 3.38 12.88
CA ASN A 155 3.37 4.60 12.50
C ASN A 155 4.37 5.74 12.51
N ILE A 156 4.07 6.81 11.79
CA ILE A 156 4.95 7.97 11.74
C ILE A 156 4.15 9.21 12.07
N ASP A 157 4.66 9.98 13.03
CA ASP A 157 4.04 11.24 13.43
C ASP A 157 5.15 12.28 13.40
N TYR A 158 5.02 13.25 12.49
CA TYR A 158 6.03 14.29 12.31
C TYR A 158 7.34 13.59 11.97
N ASP A 159 8.41 13.77 12.74
CA ASP A 159 9.68 13.16 12.40
C ASP A 159 9.87 11.80 13.05
N CYS A 160 8.88 11.31 13.79
CA CYS A 160 9.07 10.24 14.78
C CYS A 160 8.40 8.95 14.32
N VAL A 161 9.19 7.89 14.28
CA VAL A 161 8.70 6.55 13.94
C VAL A 161 8.36 5.83 15.23
N SER A 162 7.12 5.42 15.36
CA SER A 162 6.68 4.61 16.49
C SER A 162 6.58 3.17 16.01
N PHE A 163 7.52 2.35 16.46
CA PHE A 163 7.54 0.92 16.15
C PHE A 163 6.60 0.20 17.09
N CYS A 164 5.66 -0.58 16.52
CA CYS A 164 4.68 -1.27 17.36
C CYS A 164 4.65 -2.78 17.17
N TYR A 165 5.30 -3.31 16.14
CA TYR A 165 5.13 -4.73 15.79
C TYR A 165 6.42 -5.26 15.19
N MET A 166 6.79 -6.48 15.59
CA MET A 166 7.81 -7.26 14.93
C MET A 166 7.25 -8.64 14.63
N HIS A 167 7.49 -9.10 13.43
CA HIS A 167 6.83 -10.30 12.95
C HIS A 167 7.54 -11.58 13.41
N HIS A 168 6.75 -12.56 13.89
CA HIS A 168 7.29 -13.87 14.29
C HIS A 168 6.65 -15.11 13.64
N MET A 169 5.36 -15.10 13.30
CA MET A 169 4.79 -16.38 12.89
C MET A 169 3.49 -16.23 12.12
N GLU A 170 3.14 -17.32 11.42
CA GLU A 170 1.87 -17.50 10.73
C GLU A 170 1.09 -18.60 11.44
N LEU A 171 -0.17 -18.41 11.60
CA LEU A 171 -1.07 -19.42 12.13
C LEU A 171 -1.64 -20.25 11.00
N PRO A 172 -2.16 -21.44 11.31
CA PRO A 172 -2.70 -22.31 10.25
C PRO A 172 -3.79 -21.66 9.43
N THR A 173 -4.54 -20.71 9.99
CA THR A 173 -5.61 -20.02 9.27
C THR A 173 -5.07 -18.99 8.28
N GLY A 174 -3.77 -18.76 8.28
CA GLY A 174 -3.15 -17.80 7.39
C GLY A 174 -3.02 -16.41 7.95
N VAL A 175 -3.47 -16.16 9.18
CA VAL A 175 -3.23 -14.86 9.80
C VAL A 175 -1.87 -14.92 10.50
N HIS A 176 -1.47 -13.81 11.11
CA HIS A 176 -0.10 -13.61 11.55
C HIS A 176 -0.05 -13.14 12.98
N ALA A 177 1.08 -13.46 13.65
CA ALA A 177 1.25 -13.13 15.05
C ALA A 177 2.68 -12.68 15.32
N GLY A 178 2.81 -11.78 16.28
CA GLY A 178 4.10 -11.22 16.59
C GLY A 178 4.07 -10.43 17.87
N THR A 179 5.14 -9.67 18.09
CA THR A 179 5.41 -8.99 19.33
C THR A 179 5.48 -7.48 19.15
N ASP A 180 5.46 -6.78 20.29
CA ASP A 180 5.94 -5.41 20.32
C ASP A 180 7.47 -5.41 20.36
N LEU A 181 8.08 -4.24 20.42
CA LEU A 181 9.52 -4.21 20.31
C LEU A 181 10.18 -4.44 21.65
N GLU A 182 9.39 -4.65 22.71
CA GLU A 182 9.88 -5.23 23.96
C GLU A 182 9.83 -6.74 23.95
N GLY A 183 9.37 -7.34 22.86
CA GLY A 183 9.37 -8.77 22.74
C GLY A 183 8.18 -9.48 23.36
N ASN A 184 7.13 -8.76 23.75
CA ASN A 184 5.92 -9.39 24.26
C ASN A 184 4.91 -9.60 23.14
N PHE A 185 4.43 -10.83 23.01
CA PHE A 185 3.43 -11.12 21.98
C PHE A 185 2.18 -10.29 22.18
N TYR A 186 1.59 -9.92 21.06
CA TYR A 186 0.18 -9.62 21.02
C TYR A 186 -0.56 -10.95 20.97
N GLY A 187 -1.45 -11.17 21.93
CA GLY A 187 -2.26 -12.37 21.95
C GLY A 187 -1.64 -13.53 22.68
N PRO A 188 -2.38 -14.63 22.72
CA PRO A 188 -1.98 -15.80 23.49
C PRO A 188 -0.99 -16.71 22.80
N PHE A 189 -0.11 -16.19 21.99
CA PHE A 189 0.69 -17.00 21.11
C PHE A 189 2.08 -17.17 21.71
N VAL A 190 2.79 -18.17 21.20
CA VAL A 190 4.10 -18.57 21.73
C VAL A 190 5.03 -18.86 20.57
N ASP A 191 6.29 -18.42 20.69
CA ASP A 191 7.26 -18.67 19.62
C ASP A 191 7.84 -20.09 19.74
N ARG A 192 6.96 -21.07 19.55
CA ARG A 192 7.35 -22.45 19.32
C ARG A 192 6.66 -22.94 18.04
N GLN A 193 7.24 -23.96 17.41
CA GLN A 193 6.77 -24.43 16.11
C GLN A 193 5.63 -25.42 16.34
N THR A 194 4.45 -24.87 16.61
CA THR A 194 3.24 -25.63 16.84
C THR A 194 2.08 -24.90 16.20
N ALA A 195 1.06 -25.66 15.81
CA ALA A 195 -0.14 -25.09 15.21
C ALA A 195 -0.99 -24.45 16.30
N GLN A 196 -1.12 -23.14 16.25
CA GLN A 196 -1.85 -22.36 17.24
C GLN A 196 -3.08 -21.70 16.62
N ALA A 197 -4.17 -21.74 17.36
CA ALA A 197 -5.42 -21.08 17.01
C ALA A 197 -5.55 -19.82 17.84
N ALA A 198 -6.21 -18.82 17.25
CA ALA A 198 -6.53 -17.60 17.96
C ALA A 198 -7.92 -17.68 18.56
N GLY A 199 -8.23 -16.74 19.44
CA GLY A 199 -9.58 -16.60 19.91
C GLY A 199 -10.48 -16.09 18.78
N THR A 200 -11.79 -16.12 19.04
CA THR A 200 -12.75 -15.71 18.02
C THR A 200 -12.55 -14.26 17.65
N ASP A 201 -12.41 -14.00 16.37
CA ASP A 201 -12.21 -12.64 15.99
C ASP A 201 -13.56 -11.94 15.92
N THR A 202 -13.50 -10.63 16.08
CA THR A 202 -14.66 -9.78 15.96
C THR A 202 -14.33 -8.63 15.03
N THR A 203 -15.36 -7.93 14.60
CA THR A 203 -15.18 -6.81 13.71
C THR A 203 -15.02 -5.49 14.48
N ILE A 204 -14.13 -4.63 14.00
CA ILE A 204 -13.79 -3.40 14.71
C ILE A 204 -14.85 -2.35 14.35
N THR A 205 -15.83 -2.14 15.23
CA THR A 205 -17.05 -1.39 14.89
C THR A 205 -16.74 0.09 14.65
N VAL A 206 -15.93 0.71 15.50
CA VAL A 206 -15.64 2.13 15.30
C VAL A 206 -15.00 2.35 13.94
N ASN A 207 -14.26 1.36 13.45
CA ASN A 207 -13.61 1.49 12.16
C ASN A 207 -14.59 1.31 11.02
N VAL A 208 -15.52 0.36 11.15
CA VAL A 208 -16.58 0.24 10.13
C VAL A 208 -17.33 1.54 10.01
N LEU A 209 -17.62 2.19 11.15
CA LEU A 209 -18.37 3.44 11.09
C LEU A 209 -17.56 4.52 10.39
N ALA A 210 -16.26 4.59 10.69
CA ALA A 210 -15.42 5.58 10.02
C ALA A 210 -15.41 5.34 8.53
N TRP A 211 -15.38 4.08 8.11
CA TRP A 211 -15.34 3.78 6.69
C TRP A 211 -16.68 4.06 6.02
N LEU A 212 -17.78 3.92 6.75
CA LEU A 212 -19.07 4.31 6.19
C LEU A 212 -19.15 5.82 6.01
N TYR A 213 -18.63 6.61 6.96
CA TYR A 213 -18.55 8.05 6.76
C TYR A 213 -17.69 8.39 5.56
N ALA A 214 -16.56 7.70 5.40
CA ALA A 214 -15.74 7.90 4.20
C ALA A 214 -16.55 7.68 2.93
N ALA A 215 -17.35 6.62 2.89
CA ALA A 215 -18.15 6.36 1.71
C ALA A 215 -19.13 7.49 1.46
N VAL A 216 -19.63 8.12 2.52
CA VAL A 216 -20.53 9.26 2.38
C VAL A 216 -19.77 10.45 1.81
N ILE A 217 -18.72 10.90 2.51
CA ILE A 217 -17.88 11.99 2.05
C ILE A 217 -17.66 11.88 0.54
N ASN A 218 -17.36 10.66 0.07
CA ASN A 218 -17.11 10.40 -1.34
C ASN A 218 -18.38 10.08 -2.13
N GLY A 219 -19.54 10.62 -1.71
CA GLY A 219 -20.73 10.60 -2.52
C GLY A 219 -21.54 9.32 -2.52
N ASP A 220 -21.10 8.28 -1.82
CA ASP A 220 -21.80 7.01 -1.77
C ASP A 220 -22.63 7.00 -0.47
N ARG A 221 -23.97 6.86 -0.60
CA ARG A 221 -24.80 6.93 0.60
C ARG A 221 -26.11 6.15 0.46
N TRP A 222 -26.11 5.06 -0.31
CA TRP A 222 -27.30 4.26 -0.50
C TRP A 222 -27.71 3.49 0.76
N PHE A 223 -26.77 3.22 1.66
CA PHE A 223 -27.01 2.46 2.88
C PHE A 223 -27.60 3.32 4.01
N LEU A 224 -27.58 4.64 3.91
CA LEU A 224 -28.19 5.51 4.92
C LEU A 224 -29.71 5.25 5.05
N ASN A 225 -30.25 5.68 6.18
CA ASN A 225 -31.69 5.58 6.42
C ASN A 225 -32.12 6.70 7.35
N ARG A 226 -33.45 6.82 7.53
CA ARG A 226 -34.06 7.91 8.27
C ARG A 226 -34.14 7.63 9.76
N PHE A 227 -33.62 6.49 10.20
CA PHE A 227 -33.81 5.99 11.55
C PHE A 227 -32.59 6.29 12.43
N THR A 228 -32.78 6.13 13.74
CA THR A 228 -31.70 6.26 14.70
C THR A 228 -31.81 5.10 15.72
N THR A 229 -30.91 5.11 16.68
CA THR A 229 -30.82 4.04 17.67
C THR A 229 -30.12 4.58 18.90
N THR A 230 -30.40 3.98 20.03
CA THR A 230 -29.60 4.29 21.21
C THR A 230 -28.29 3.53 21.15
N LEU A 231 -27.34 4.03 21.92
CA LEU A 231 -26.04 3.40 21.98
C LEU A 231 -26.15 1.96 22.47
N ASN A 232 -26.90 1.75 23.56
CA ASN A 232 -26.97 0.40 24.11
C ASN A 232 -27.70 -0.54 23.16
N ASP A 233 -28.77 -0.08 22.51
CA ASP A 233 -29.51 -0.97 21.61
C ASP A 233 -28.66 -1.34 20.40
N PHE A 234 -27.86 -0.39 19.91
CA PHE A 234 -26.90 -0.73 18.85
C PHE A 234 -25.93 -1.79 19.36
N ASN A 235 -25.39 -1.60 20.55
CA ASN A 235 -24.38 -2.53 21.04
C ASN A 235 -24.95 -3.92 21.24
N LEU A 236 -26.23 -4.03 21.60
CA LEU A 236 -26.81 -5.36 21.70
C LEU A 236 -26.77 -6.06 20.34
N VAL A 237 -27.12 -5.34 19.28
CA VAL A 237 -27.12 -5.93 17.95
C VAL A 237 -25.69 -6.22 17.50
N ALA A 238 -24.77 -5.28 17.74
CA ALA A 238 -23.38 -5.47 17.38
C ALA A 238 -22.82 -6.76 17.99
N MET A 239 -23.05 -6.95 19.29
CA MET A 239 -22.47 -8.10 19.95
C MET A 239 -23.07 -9.37 19.37
N LYS A 240 -24.33 -9.31 18.95
CA LYS A 240 -24.96 -10.50 18.37
C LYS A 240 -24.26 -10.93 17.10
N TYR A 241 -23.72 -9.97 16.34
CA TYR A 241 -23.07 -10.23 15.06
C TYR A 241 -21.56 -10.23 15.17
N ASN A 242 -21.03 -10.42 16.38
CA ASN A 242 -19.59 -10.47 16.63
C ASN A 242 -18.88 -9.20 16.18
N TYR A 243 -19.52 -8.08 16.43
CA TYR A 243 -18.90 -6.77 16.33
C TYR A 243 -18.50 -6.30 17.72
N GLU A 244 -17.38 -5.57 17.81
CA GLU A 244 -16.96 -5.01 19.09
C GLU A 244 -17.97 -3.98 19.58
N PRO A 245 -18.11 -3.84 20.89
CA PRO A 245 -18.96 -2.76 21.40
C PRO A 245 -18.40 -1.38 21.04
N LEU A 246 -19.30 -0.44 20.91
CA LEU A 246 -18.95 0.96 20.67
C LEU A 246 -19.06 1.71 21.99
N THR A 247 -17.97 2.39 22.37
CA THR A 247 -17.90 3.16 23.60
C THR A 247 -18.25 4.61 23.35
N GLN A 248 -18.51 5.35 24.43
CA GLN A 248 -18.75 6.78 24.28
C GLN A 248 -17.52 7.50 23.73
N ASP A 249 -16.33 7.07 24.14
CA ASP A 249 -15.13 7.66 23.53
C ASP A 249 -15.08 7.39 22.03
N HIS A 250 -15.52 6.21 21.58
CA HIS A 250 -15.61 5.98 20.15
C HIS A 250 -16.56 6.97 19.50
N VAL A 251 -17.71 7.22 20.13
CA VAL A 251 -18.64 8.19 19.58
C VAL A 251 -17.97 9.55 19.48
N ASP A 252 -17.27 9.95 20.55
CA ASP A 252 -16.59 11.24 20.54
C ASP A 252 -15.56 11.31 19.43
N ILE A 253 -14.71 10.28 19.34
CA ILE A 253 -13.70 10.19 18.30
C ILE A 253 -14.28 10.39 16.92
N LEU A 254 -15.53 9.95 16.71
CA LEU A 254 -16.19 10.06 15.42
C LEU A 254 -16.85 11.42 15.20
N GLY A 255 -16.79 12.33 16.19
CA GLY A 255 -17.39 13.63 16.07
C GLY A 255 -17.03 14.36 14.79
N PRO A 256 -15.72 14.58 14.57
CA PRO A 256 -15.29 15.30 13.36
C PRO A 256 -15.95 14.80 12.10
N LEU A 257 -15.96 13.47 11.90
CA LEU A 257 -16.61 12.92 10.72
C LEU A 257 -18.12 13.15 10.76
N SER A 258 -18.72 13.08 11.95
CA SER A 258 -20.15 13.36 12.06
C SER A 258 -20.43 14.80 11.67
N ALA A 259 -19.66 15.73 12.23
CA ALA A 259 -19.78 17.15 11.87
C ALA A 259 -19.62 17.34 10.38
N GLN A 260 -18.51 16.85 9.82
CA GLN A 260 -18.22 17.10 8.42
C GLN A 260 -19.36 16.68 7.51
N THR A 261 -20.08 15.62 7.87
CA THR A 261 -21.14 15.09 7.03
C THR A 261 -22.53 15.42 7.52
N GLY A 262 -22.67 15.98 8.71
CA GLY A 262 -24.00 16.23 9.26
C GLY A 262 -24.79 14.98 9.54
N ILE A 263 -24.12 13.89 9.89
CA ILE A 263 -24.79 12.63 10.17
C ILE A 263 -24.41 12.23 11.58
N ALA A 264 -25.38 12.24 12.49
CA ALA A 264 -25.09 11.92 13.88
C ALA A 264 -24.55 10.50 13.95
N VAL A 265 -23.64 10.30 14.90
CA VAL A 265 -22.99 9.00 15.05
C VAL A 265 -24.05 7.91 15.21
N LEU A 266 -25.02 8.14 16.08
CA LEU A 266 -26.06 7.14 16.30
C LEU A 266 -26.94 6.93 15.07
N ASP A 267 -27.03 7.93 14.17
CA ASP A 267 -27.70 7.70 12.90
C ASP A 267 -26.89 6.73 12.01
N MET A 268 -25.57 6.92 11.95
CA MET A 268 -24.74 5.96 11.22
C MET A 268 -24.83 4.58 11.86
N CYS A 269 -24.94 4.52 13.19
CA CYS A 269 -25.11 3.25 13.87
C CYS A 269 -26.39 2.56 13.42
N ALA A 270 -27.45 3.35 13.20
CA ALA A 270 -28.70 2.78 12.70
C ALA A 270 -28.52 2.23 11.28
N SER A 271 -27.74 2.93 10.44
CA SER A 271 -27.47 2.40 9.11
C SER A 271 -26.66 1.13 9.19
N LEU A 272 -25.63 1.09 10.03
CA LEU A 272 -24.87 -0.14 10.16
C LEU A 272 -25.71 -1.28 10.67
N LYS A 273 -26.60 -1.02 11.63
CA LYS A 273 -27.52 -2.05 12.09
C LYS A 273 -28.33 -2.62 10.93
N GLU A 274 -28.83 -1.73 10.06
CA GLU A 274 -29.63 -2.18 8.92
C GLU A 274 -28.80 -3.06 8.00
N LEU A 275 -27.55 -2.68 7.75
CA LEU A 275 -26.65 -3.50 6.93
C LEU A 275 -26.39 -4.85 7.59
N LEU A 276 -26.17 -4.87 8.91
CA LEU A 276 -25.92 -6.14 9.55
C LEU A 276 -27.14 -7.06 9.45
N GLN A 277 -28.35 -6.49 9.54
CA GLN A 277 -29.54 -7.31 9.55
C GLN A 277 -29.96 -7.69 8.13
N ASN A 278 -29.87 -6.76 7.18
CA ASN A 278 -30.30 -6.98 5.81
C ASN A 278 -29.19 -7.53 4.93
N GLY A 279 -27.99 -6.98 5.03
CA GLY A 279 -26.92 -7.30 4.13
C GLY A 279 -26.72 -6.20 3.12
N MET A 280 -25.86 -6.49 2.15
CA MET A 280 -25.58 -5.53 1.10
C MET A 280 -26.67 -5.50 0.03
N ASN A 281 -27.60 -6.46 0.03
CA ASN A 281 -28.50 -6.64 -1.09
C ASN A 281 -27.72 -6.95 -2.36
N GLY A 282 -26.53 -7.53 -2.18
CA GLY A 282 -25.64 -7.77 -3.29
C GLY A 282 -24.98 -6.53 -3.87
N ARG A 283 -25.05 -5.39 -3.19
CA ARG A 283 -24.40 -4.19 -3.68
C ARG A 283 -23.00 -4.05 -3.07
N THR A 284 -22.38 -2.89 -3.25
CA THR A 284 -21.03 -2.66 -2.77
C THR A 284 -20.94 -1.24 -2.21
N ILE A 285 -19.94 -1.05 -1.35
CA ILE A 285 -19.65 0.26 -0.75
C ILE A 285 -18.18 0.55 -0.99
N LEU A 286 -17.88 1.72 -1.54
CA LEU A 286 -16.51 2.12 -1.88
C LEU A 286 -15.78 1.03 -2.66
N GLY A 287 -16.52 0.25 -3.44
CA GLY A 287 -15.98 -0.84 -4.22
C GLY A 287 -16.08 -2.20 -3.56
N SER A 288 -16.22 -2.24 -2.25
CA SER A 288 -16.14 -3.48 -1.50
C SER A 288 -17.51 -4.14 -1.36
N ALA A 289 -17.52 -5.47 -1.45
CA ALA A 289 -18.69 -6.27 -1.13
C ALA A 289 -18.80 -6.61 0.35
N LEU A 290 -17.83 -6.19 1.17
CA LEU A 290 -17.83 -6.51 2.58
C LEU A 290 -17.58 -5.24 3.36
N LEU A 291 -18.03 -5.23 4.62
CA LEU A 291 -17.82 -4.05 5.44
C LEU A 291 -16.36 -4.04 5.91
N GLU A 292 -15.68 -2.96 5.61
CA GLU A 292 -14.25 -2.82 5.88
C GLU A 292 -14.02 -2.26 7.28
N ASP A 293 -13.10 -2.87 8.04
CA ASP A 293 -12.90 -2.44 9.42
C ASP A 293 -11.43 -2.18 9.79
N GLU A 294 -10.57 -1.88 8.80
CA GLU A 294 -9.17 -1.58 9.07
C GLU A 294 -8.79 -0.15 8.66
N PHE A 295 -9.77 0.77 8.68
CA PHE A 295 -9.55 2.21 8.68
C PHE A 295 -10.03 2.79 9.99
N THR A 296 -9.15 3.43 10.71
CA THR A 296 -9.57 4.12 11.92
C THR A 296 -10.19 5.47 11.58
N PRO A 297 -10.85 6.10 12.56
CA PRO A 297 -11.36 7.46 12.31
C PRO A 297 -10.23 8.42 11.96
N PHE A 298 -9.08 8.30 12.62
CA PHE A 298 -7.92 9.13 12.30
C PHE A 298 -7.48 8.92 10.86
N ASP A 299 -7.32 7.66 10.46
CA ASP A 299 -6.97 7.34 9.09
C ASP A 299 -7.91 8.03 8.10
N VAL A 300 -9.22 7.83 8.27
CA VAL A 300 -10.19 8.41 7.35
C VAL A 300 -10.05 9.92 7.32
N VAL A 301 -9.86 10.53 8.48
CA VAL A 301 -9.76 12.00 8.55
C VAL A 301 -8.52 12.46 7.80
N ARG A 302 -7.37 11.88 8.13
CA ARG A 302 -6.12 12.35 7.55
C ARG A 302 -6.12 12.24 6.03
N GLN A 303 -6.71 11.16 5.49
CA GLN A 303 -6.74 10.99 4.04
C GLN A 303 -7.81 11.82 3.36
N CYS A 304 -8.77 12.36 4.11
CA CYS A 304 -9.65 13.40 3.59
C CYS A 304 -9.17 14.80 4.00
N SER A 305 -7.93 14.89 4.49
CA SER A 305 -7.27 16.17 4.82
C SER A 305 -5.84 16.20 4.27
N PHE B 7 -5.27 -11.72 -0.42
CA PHE B 7 -4.61 -10.84 -1.39
C PHE B 7 -4.87 -9.38 -1.11
N ARG B 8 -3.79 -8.62 -0.91
CA ARG B 8 -3.88 -7.20 -0.61
C ARG B 8 -2.99 -6.40 -1.54
N LYS B 9 -3.40 -5.16 -1.77
CA LYS B 9 -2.54 -4.21 -2.45
C LYS B 9 -1.30 -3.96 -1.61
N MET B 10 -0.15 -4.28 -2.17
CA MET B 10 1.15 -4.05 -1.55
C MET B 10 1.94 -3.06 -2.38
N ALA B 11 2.32 -1.95 -1.79
CA ALA B 11 3.14 -0.99 -2.51
C ALA B 11 4.61 -1.37 -2.45
N PHE B 12 5.39 -0.79 -3.36
CA PHE B 12 6.84 -0.87 -3.20
C PHE B 12 7.33 0.01 -2.05
N PRO B 13 8.41 -0.40 -1.39
CA PRO B 13 9.07 0.51 -0.43
C PRO B 13 9.39 1.83 -1.12
N SER B 14 9.08 2.91 -0.44
CA SER B 14 9.09 4.23 -1.05
C SER B 14 10.37 5.03 -0.82
N GLY B 15 11.30 4.51 -0.03
CA GLY B 15 12.43 5.32 0.38
C GLY B 15 13.23 5.90 -0.76
N LYS B 16 13.49 5.11 -1.81
CA LYS B 16 14.30 5.63 -2.90
C LYS B 16 13.60 6.79 -3.61
N VAL B 17 12.26 6.82 -3.61
CA VAL B 17 11.53 7.94 -4.23
C VAL B 17 11.41 9.11 -3.26
N GLU B 18 11.23 8.83 -1.96
CA GLU B 18 11.21 9.90 -0.96
C GLU B 18 12.44 10.79 -1.10
N GLY B 19 13.59 10.17 -1.34
CA GLY B 19 14.85 10.88 -1.47
C GLY B 19 14.95 11.77 -2.70
N CYS B 20 13.91 11.78 -3.53
CA CYS B 20 13.91 12.54 -4.76
C CYS B 20 12.84 13.62 -4.78
N MET B 21 11.99 13.71 -3.75
CA MET B 21 10.90 14.67 -3.77
C MET B 21 11.38 16.03 -3.31
N VAL B 22 10.97 17.05 -4.04
CA VAL B 22 11.18 18.45 -3.68
C VAL B 22 9.88 19.21 -3.91
N GLN B 23 9.88 20.48 -3.52
CA GLN B 23 8.76 21.35 -3.87
C GLN B 23 9.19 22.44 -4.86
N VAL B 24 8.25 22.82 -5.74
CA VAL B 24 8.50 23.81 -6.77
C VAL B 24 7.40 24.84 -6.65
N THR B 25 7.79 26.11 -6.52
CA THR B 25 6.85 27.21 -6.37
C THR B 25 7.11 28.26 -7.43
N CYS B 26 5.99 28.76 -7.97
CA CYS B 26 6.01 29.93 -8.86
C CYS B 26 4.92 30.85 -8.30
N GLY B 27 5.29 32.00 -7.76
CA GLY B 27 4.34 32.89 -7.11
C GLY B 27 3.83 32.30 -5.82
N THR B 28 2.53 31.98 -5.77
CA THR B 28 1.96 31.28 -4.62
C THR B 28 1.56 29.85 -4.95
N THR B 29 1.78 29.40 -6.18
CA THR B 29 1.43 28.07 -6.63
C THR B 29 2.58 27.13 -6.28
N THR B 30 2.33 26.17 -5.40
CA THR B 30 3.35 25.22 -5.00
C THR B 30 2.86 23.84 -5.40
N LEU B 31 3.75 23.04 -5.97
CA LEU B 31 3.46 21.63 -6.16
C LEU B 31 4.77 20.90 -5.94
N ASN B 32 4.74 19.61 -6.23
CA ASN B 32 5.88 18.75 -6.00
C ASN B 32 6.70 18.57 -7.27
N GLY B 33 7.99 18.32 -7.08
CA GLY B 33 8.87 17.95 -8.17
C GLY B 33 9.73 16.75 -7.84
N LEU B 34 10.32 16.17 -8.89
CA LEU B 34 11.14 14.97 -8.81
C LEU B 34 12.57 15.37 -9.19
N TRP B 35 13.52 15.19 -8.25
CA TRP B 35 14.90 15.67 -8.40
C TRP B 35 15.78 14.45 -8.68
N LEU B 36 16.27 14.33 -9.91
CA LEU B 36 17.11 13.22 -10.32
C LEU B 36 18.34 13.79 -10.97
N ASP B 37 19.51 13.41 -10.49
CA ASP B 37 20.74 14.04 -10.95
C ASP B 37 20.57 15.56 -10.79
N ASP B 38 20.85 16.38 -11.81
CA ASP B 38 20.73 17.84 -11.66
C ASP B 38 19.49 18.41 -12.36
N VAL B 39 18.43 17.62 -12.45
CA VAL B 39 17.19 18.07 -13.07
C VAL B 39 16.03 17.83 -12.13
N VAL B 40 15.12 18.80 -12.05
CA VAL B 40 13.87 18.67 -11.32
C VAL B 40 12.73 18.65 -12.34
N TYR B 41 11.89 17.62 -12.25
CA TYR B 41 10.75 17.45 -13.15
C TYR B 41 9.47 17.77 -12.41
N CYS B 42 8.57 18.54 -13.03
CA CYS B 42 7.31 18.87 -12.38
C CYS B 42 6.27 19.24 -13.43
N PRO B 43 5.00 19.24 -13.05
CA PRO B 43 3.95 19.65 -14.00
C PRO B 43 4.15 21.09 -14.42
N ARG B 44 3.95 21.34 -15.71
CA ARG B 44 4.12 22.71 -16.19
C ARG B 44 3.07 23.66 -15.66
N HIS B 45 1.92 23.18 -15.18
CA HIS B 45 0.95 24.15 -14.73
C HIS B 45 1.38 24.87 -13.46
N VAL B 46 2.56 24.58 -12.92
CA VAL B 46 3.06 25.40 -11.82
C VAL B 46 3.20 26.86 -12.25
N ILE B 47 3.38 27.14 -13.55
CA ILE B 47 3.59 28.51 -14.01
C ILE B 47 2.27 29.26 -14.20
N CYS B 48 1.19 28.55 -13.94
CA CYS B 48 -0.14 29.17 -14.17
C CYS B 48 -0.68 29.81 -12.91
N THR B 49 -1.18 31.03 -13.01
CA THR B 49 -1.99 31.60 -11.95
C THR B 49 -3.35 30.91 -11.95
N SER B 50 -4.04 30.95 -10.82
CA SER B 50 -5.44 30.53 -10.81
C SER B 50 -6.27 31.50 -11.65
N GLU B 51 -6.01 31.55 -12.95
CA GLU B 51 -6.69 32.43 -13.90
C GLU B 51 -6.16 32.11 -15.28
N ASP B 52 -4.88 31.75 -15.35
CA ASP B 52 -4.31 31.15 -16.55
C ASP B 52 -4.83 29.75 -16.76
N MET B 53 -5.32 29.10 -15.70
CA MET B 53 -5.65 27.68 -15.76
C MET B 53 -6.85 27.38 -16.65
N LEU B 54 -7.73 28.36 -16.89
CA LEU B 54 -8.89 28.12 -17.74
C LEU B 54 -8.48 27.62 -19.12
N ASN B 55 -7.62 28.37 -19.80
CA ASN B 55 -6.98 27.88 -21.02
C ASN B 55 -5.61 28.53 -21.11
N PRO B 56 -4.61 27.94 -20.48
CA PRO B 56 -3.30 28.59 -20.43
C PRO B 56 -2.64 28.55 -21.79
N ASN B 57 -1.94 29.63 -22.12
CA ASN B 57 -1.01 29.62 -23.24
C ASN B 57 0.35 29.33 -22.61
N TYR B 58 0.69 28.05 -22.53
CA TYR B 58 1.88 27.63 -21.80
C TYR B 58 3.15 28.18 -22.43
N GLU B 59 3.21 28.18 -23.76
CA GLU B 59 4.39 28.75 -24.44
C GLU B 59 4.52 30.24 -24.10
N ASP B 60 3.43 30.99 -24.15
CA ASP B 60 3.54 32.41 -23.83
C ASP B 60 3.86 32.63 -22.37
N LEU B 61 3.29 31.79 -21.49
CA LEU B 61 3.57 31.94 -20.06
C LEU B 61 5.03 31.64 -19.77
N LEU B 62 5.61 30.66 -20.45
CA LEU B 62 6.98 30.27 -20.16
C LEU B 62 7.98 31.33 -20.63
N ILE B 63 7.69 31.96 -21.77
CA ILE B 63 8.56 33.01 -22.29
C ILE B 63 8.69 34.17 -21.32
N ARG B 64 7.69 34.39 -20.49
CA ARG B 64 7.74 35.46 -19.51
C ARG B 64 8.54 35.08 -18.26
N LYS B 65 8.85 33.81 -18.08
CA LYS B 65 9.55 33.34 -16.89
C LYS B 65 11.05 33.33 -17.11
N SER B 66 11.78 33.43 -15.99
CA SER B 66 13.22 33.27 -15.96
C SER B 66 13.59 32.26 -14.89
N ASN B 67 14.83 31.77 -14.97
CA ASN B 67 15.31 30.84 -13.96
C ASN B 67 15.02 31.36 -12.55
N HIS B 68 15.24 32.65 -12.30
CA HIS B 68 15.09 33.18 -10.96
C HIS B 68 13.64 33.36 -10.52
N ASN B 69 12.64 33.02 -11.34
CA ASN B 69 11.25 32.98 -10.88
C ASN B 69 10.84 31.65 -10.24
N PHE B 70 11.68 30.61 -10.33
CA PHE B 70 11.32 29.29 -9.81
C PHE B 70 11.98 29.06 -8.45
N LEU B 71 11.17 28.78 -7.42
CA LEU B 71 11.67 28.47 -6.08
C LEU B 71 11.60 26.97 -5.90
N VAL B 72 12.74 26.30 -5.95
CA VAL B 72 12.82 24.86 -5.76
C VAL B 72 13.44 24.62 -4.39
N GLN B 73 12.80 23.82 -3.55
CA GLN B 73 13.28 23.58 -2.19
C GLN B 73 13.25 22.08 -1.91
N ALA B 74 14.34 21.59 -1.31
CA ALA B 74 14.35 20.26 -0.70
C ALA B 74 14.25 20.51 0.81
N GLY B 75 13.09 20.24 1.36
CA GLY B 75 12.80 20.80 2.67
C GLY B 75 12.80 22.32 2.61
N ASN B 76 13.49 22.94 3.56
CA ASN B 76 13.67 24.38 3.61
C ASN B 76 14.89 24.84 2.82
N VAL B 77 15.59 23.96 2.13
CA VAL B 77 16.85 24.31 1.50
C VAL B 77 16.59 24.60 0.03
N GLN B 78 16.85 25.84 -0.39
CA GLN B 78 16.66 26.21 -1.79
C GLN B 78 17.71 25.56 -2.69
N LEU B 79 17.24 25.07 -3.83
CA LEU B 79 18.04 24.55 -4.91
C LEU B 79 18.03 25.56 -6.05
N ARG B 80 19.19 26.11 -6.40
CA ARG B 80 19.20 27.17 -7.39
C ARG B 80 18.93 26.61 -8.78
N VAL B 81 18.01 27.23 -9.51
CA VAL B 81 17.68 26.85 -10.87
C VAL B 81 18.60 27.57 -11.84
N ILE B 82 19.19 26.82 -12.77
CA ILE B 82 20.14 27.36 -13.75
C ILE B 82 19.71 27.13 -15.19
N GLY B 83 18.54 26.54 -15.41
CA GLY B 83 18.02 26.39 -16.76
C GLY B 83 16.62 25.86 -16.66
N HIS B 84 15.84 26.08 -17.72
CA HIS B 84 14.48 25.56 -17.68
C HIS B 84 14.02 25.28 -19.09
N SER B 85 13.21 24.25 -19.23
CA SER B 85 12.62 23.93 -20.52
C SER B 85 11.32 23.18 -20.28
N MET B 86 10.52 23.13 -21.32
CA MET B 86 9.24 22.45 -21.25
C MET B 86 9.28 21.29 -22.23
N GLN B 87 8.81 20.13 -21.79
CA GLN B 87 8.75 18.93 -22.60
C GLN B 87 7.32 18.42 -22.43
N ASN B 88 6.50 18.61 -23.48
CA ASN B 88 5.09 18.30 -23.40
C ASN B 88 4.47 18.97 -22.18
N CYS B 89 3.86 18.23 -21.27
CA CYS B 89 3.20 18.84 -20.12
C CYS B 89 4.08 18.87 -18.85
N VAL B 90 5.38 18.63 -18.96
CA VAL B 90 6.27 18.73 -17.79
CA VAL B 90 6.30 18.67 -17.82
C VAL B 90 7.31 19.81 -18.03
N LEU B 91 7.71 20.41 -16.93
CA LEU B 91 8.79 21.38 -16.88
C LEU B 91 10.04 20.66 -16.38
N LYS B 92 11.19 20.94 -16.99
CA LYS B 92 12.46 20.43 -16.54
C LYS B 92 13.29 21.62 -16.08
N LEU B 93 13.62 21.63 -14.79
CA LEU B 93 14.37 22.71 -14.21
C LEU B 93 15.76 22.17 -13.93
N LYS B 94 16.76 22.73 -14.63
CA LYS B 94 18.13 22.34 -14.33
C LYS B 94 18.56 23.08 -13.07
N VAL B 95 19.16 22.34 -12.14
CA VAL B 95 19.58 22.90 -10.86
C VAL B 95 21.09 22.73 -10.73
N ASP B 96 21.68 23.44 -9.78
CA ASP B 96 23.13 23.49 -9.70
C ASP B 96 23.71 22.44 -8.78
N THR B 97 22.89 21.52 -8.25
CA THR B 97 23.31 20.45 -7.37
C THR B 97 22.76 19.12 -7.88
N ALA B 98 23.62 18.11 -7.98
CA ALA B 98 23.16 16.79 -8.34
C ALA B 98 22.63 16.11 -7.09
N ASN B 99 21.46 15.50 -7.18
CA ASN B 99 20.86 14.89 -5.99
C ASN B 99 21.69 13.70 -5.54
N PRO B 100 22.32 13.74 -4.36
CA PRO B 100 23.11 12.60 -3.91
C PRO B 100 22.30 11.33 -3.65
N LYS B 101 20.99 11.45 -3.46
CA LYS B 101 20.12 10.29 -3.28
C LYS B 101 19.50 9.77 -4.57
N THR B 102 19.98 10.21 -5.73
CA THR B 102 19.44 9.71 -6.99
C THR B 102 19.60 8.22 -7.07
N PRO B 103 18.53 7.45 -7.24
CA PRO B 103 18.67 6.02 -7.41
C PRO B 103 19.00 5.68 -8.85
N LYS B 104 19.32 4.41 -9.09
CA LYS B 104 19.26 3.93 -10.46
C LYS B 104 17.82 4.11 -10.93
N TYR B 105 17.62 4.71 -12.10
CA TYR B 105 16.23 4.92 -12.52
C TYR B 105 16.10 4.86 -14.04
N LYS B 106 14.84 4.74 -14.47
CA LYS B 106 14.47 4.91 -15.85
C LYS B 106 13.06 5.48 -15.87
N PHE B 107 12.72 6.04 -17.00
CA PHE B 107 11.39 6.58 -17.27
C PHE B 107 10.68 5.58 -18.19
N VAL B 108 9.51 5.11 -17.79
CA VAL B 108 8.74 4.17 -18.61
C VAL B 108 7.30 4.63 -18.76
N ARG B 109 6.72 4.29 -19.90
CA ARG B 109 5.32 4.57 -20.18
C ARG B 109 4.56 3.25 -20.07
N ILE B 110 3.65 3.17 -19.11
CA ILE B 110 2.98 1.90 -18.84
C ILE B 110 1.73 1.78 -19.69
N GLN B 111 1.16 0.56 -19.73
CA GLN B 111 -0.05 0.26 -20.44
C GLN B 111 -1.21 0.17 -19.47
N PRO B 112 -2.43 0.40 -19.94
CA PRO B 112 -3.59 0.17 -19.07
C PRO B 112 -3.55 -1.23 -18.48
N GLY B 113 -3.99 -1.34 -17.23
CA GLY B 113 -3.94 -2.54 -16.46
C GLY B 113 -2.74 -2.64 -15.57
N GLN B 114 -1.62 -2.03 -15.95
CA GLN B 114 -0.42 -2.11 -15.13
C GLN B 114 -0.64 -1.37 -13.82
N THR B 115 -0.02 -1.87 -12.77
CA THR B 115 -0.13 -1.25 -11.46
C THR B 115 1.19 -0.57 -11.14
N PHE B 116 1.11 0.31 -10.16
CA PHE B 116 2.28 1.04 -9.72
C PHE B 116 1.99 1.62 -8.34
N SER B 117 3.05 1.96 -7.64
CA SER B 117 2.92 2.60 -6.35
C SER B 117 2.94 4.10 -6.56
N VAL B 118 2.10 4.80 -5.79
CA VAL B 118 2.08 6.26 -5.75
C VAL B 118 2.61 6.72 -4.40
N LEU B 119 3.55 7.67 -4.42
CA LEU B 119 4.00 8.30 -3.19
C LEU B 119 3.30 9.65 -3.15
N ALA B 120 2.21 9.75 -2.39
CA ALA B 120 1.43 10.98 -2.35
C ALA B 120 2.18 12.00 -1.52
N CYS B 121 2.39 13.19 -2.08
CA CYS B 121 3.20 14.20 -1.44
C CYS B 121 2.49 15.54 -1.39
N TYR B 122 2.84 16.35 -0.39
CA TYR B 122 2.34 17.71 -0.26
C TYR B 122 3.51 18.59 0.17
N ASN B 123 3.74 19.69 -0.56
CA ASN B 123 4.81 20.62 -0.23
C ASN B 123 6.17 19.92 -0.17
N GLY B 124 6.37 18.95 -1.06
CA GLY B 124 7.61 18.22 -1.12
C GLY B 124 7.79 17.17 -0.05
N SER B 125 6.76 16.96 0.80
CA SER B 125 6.83 16.03 1.94
C SER B 125 5.93 14.84 1.68
N PRO B 126 6.47 13.64 1.75
CA PRO B 126 5.65 12.44 1.54
C PRO B 126 4.61 12.26 2.64
N SER B 127 3.40 11.93 2.22
CA SER B 127 2.32 11.66 3.16
CA SER B 127 2.30 11.66 3.13
C SER B 127 1.99 10.17 3.24
N GLY B 128 1.98 9.45 2.12
CA GLY B 128 1.60 8.05 2.14
C GLY B 128 1.92 7.38 0.83
N VAL B 129 1.88 6.06 0.85
CA VAL B 129 2.21 5.27 -0.33
C VAL B 129 1.13 4.21 -0.53
N TYR B 130 0.71 4.03 -1.78
CA TYR B 130 -0.36 3.08 -2.05
C TYR B 130 -0.28 2.62 -3.50
N GLN B 131 -0.96 1.51 -3.77
CA GLN B 131 -0.89 0.87 -5.06
C GLN B 131 -2.08 1.31 -5.90
N CYS B 132 -1.83 1.63 -7.16
CA CYS B 132 -2.84 2.10 -8.09
C CYS B 132 -2.80 1.23 -9.32
N ALA B 133 -3.93 1.11 -10.00
CA ALA B 133 -3.93 0.51 -11.32
C ALA B 133 -4.37 1.52 -12.36
N MET B 134 -3.67 1.53 -13.49
CA MET B 134 -4.07 2.34 -14.64
C MET B 134 -5.28 1.68 -15.28
N ARG B 135 -6.43 2.37 -15.25
CA ARG B 135 -7.64 1.82 -15.85
C ARG B 135 -7.55 1.83 -17.37
N PRO B 136 -8.38 1.01 -18.05
CA PRO B 136 -8.38 1.02 -19.52
C PRO B 136 -8.74 2.36 -20.10
N ASN B 137 -9.47 3.20 -19.37
CA ASN B 137 -9.78 4.55 -19.84
C ASN B 137 -8.72 5.57 -19.40
N PHE B 138 -7.56 5.10 -18.89
CA PHE B 138 -6.40 5.95 -18.65
C PHE B 138 -6.61 6.92 -17.49
N THR B 139 -7.40 6.52 -16.52
CA THR B 139 -7.54 7.20 -15.24
C THR B 139 -7.05 6.25 -14.17
N ILE B 140 -6.69 6.81 -13.01
CA ILE B 140 -6.43 6.03 -11.83
C ILE B 140 -7.35 6.51 -10.73
N LYS B 141 -7.65 5.60 -9.82
CA LYS B 141 -8.43 5.90 -8.62
C LYS B 141 -7.46 6.18 -7.48
N GLY B 142 -6.95 7.42 -7.46
CA GLY B 142 -6.00 7.84 -6.46
C GLY B 142 -6.67 8.47 -5.26
N SER B 143 -5.82 8.92 -4.36
CA SER B 143 -6.23 9.64 -3.15
C SER B 143 -5.35 10.88 -3.18
N PHE B 144 -5.79 11.84 -3.96
CA PHE B 144 -5.04 13.07 -4.22
C PHE B 144 -5.88 14.26 -3.81
N LEU B 145 -5.29 15.14 -3.02
CA LEU B 145 -5.90 16.39 -2.60
C LEU B 145 -5.17 17.56 -3.26
N ASN B 146 -5.69 18.76 -3.06
CA ASN B 146 -4.98 19.95 -3.51
C ASN B 146 -3.53 19.90 -3.06
N GLY B 147 -2.63 20.30 -3.96
CA GLY B 147 -1.22 20.32 -3.65
C GLY B 147 -0.49 19.02 -3.91
N SER B 148 -1.20 17.97 -4.34
CA SER B 148 -0.58 16.68 -4.63
C SER B 148 0.09 16.62 -6.00
N CYS B 149 -0.18 17.57 -6.90
CA CYS B 149 0.41 17.48 -8.23
C CYS B 149 1.93 17.37 -8.19
N GLY B 150 2.46 16.59 -9.12
CA GLY B 150 3.87 16.30 -9.11
C GLY B 150 4.25 15.07 -8.32
N SER B 151 3.33 14.54 -7.50
CA SER B 151 3.53 13.21 -6.94
C SER B 151 3.68 12.21 -8.08
N VAL B 152 4.51 11.18 -7.86
CA VAL B 152 4.85 10.25 -8.94
C VAL B 152 4.42 8.83 -8.59
N GLY B 153 4.25 8.06 -9.65
CA GLY B 153 4.00 6.63 -9.56
C GLY B 153 5.18 5.88 -10.12
N PHE B 154 5.45 4.71 -9.53
CA PHE B 154 6.68 3.99 -9.87
C PHE B 154 6.55 2.51 -9.58
N ASN B 155 7.44 1.74 -10.20
CA ASN B 155 7.74 0.34 -9.87
C ASN B 155 9.22 0.24 -9.57
N ILE B 156 9.61 -0.76 -8.80
CA ILE B 156 11.01 -1.00 -8.51
C ILE B 156 11.35 -2.40 -8.96
N ASP B 157 12.41 -2.53 -9.77
CA ASP B 157 12.94 -3.80 -10.24
C ASP B 157 14.42 -3.85 -9.88
N TYR B 158 14.79 -4.76 -8.98
CA TYR B 158 16.18 -4.94 -8.57
C TYR B 158 16.64 -3.60 -8.00
N ASP B 159 17.68 -2.95 -8.54
CA ASP B 159 18.12 -1.70 -7.96
C ASP B 159 17.34 -0.49 -8.46
N CYS B 160 16.44 -0.69 -9.41
CA CYS B 160 16.10 0.36 -10.36
C CYS B 160 14.66 0.83 -10.19
N VAL B 161 14.50 2.14 -10.03
CA VAL B 161 13.17 2.76 -10.01
C VAL B 161 12.75 3.13 -11.42
N SER B 162 11.63 2.54 -11.87
CA SER B 162 10.98 2.88 -13.13
C SER B 162 9.85 3.85 -12.81
N PHE B 163 10.06 5.14 -13.09
CA PHE B 163 9.01 6.12 -12.91
C PHE B 163 8.05 6.07 -14.09
N CYS B 164 6.76 5.97 -13.81
CA CYS B 164 5.78 5.87 -14.87
C CYS B 164 4.66 6.89 -14.85
N TYR B 165 4.47 7.61 -13.75
CA TYR B 165 3.32 8.50 -13.63
C TYR B 165 3.75 9.75 -12.89
N MET B 166 3.22 10.88 -13.34
CA MET B 166 3.29 12.13 -12.59
C MET B 166 1.89 12.74 -12.55
N HIS B 167 1.46 13.17 -11.38
CA HIS B 167 0.05 13.54 -11.19
C HIS B 167 -0.23 14.98 -11.60
N HIS B 168 -1.33 15.19 -12.35
CA HIS B 168 -1.70 16.55 -12.79
C HIS B 168 -3.11 17.00 -12.42
N MET B 169 -4.11 16.10 -12.33
CA MET B 169 -5.46 16.64 -12.24
C MET B 169 -6.50 15.61 -11.80
N GLU B 170 -7.62 16.14 -11.34
CA GLU B 170 -8.78 15.34 -10.98
C GLU B 170 -9.91 15.64 -11.95
N LEU B 171 -10.62 14.62 -12.30
CA LEU B 171 -11.74 14.76 -13.22
C LEU B 171 -13.02 15.02 -12.46
N PRO B 172 -14.04 15.55 -13.14
CA PRO B 172 -15.35 15.73 -12.48
C PRO B 172 -15.82 14.53 -11.68
N THR B 173 -15.57 13.32 -12.17
CA THR B 173 -16.01 12.10 -11.50
C THR B 173 -15.18 11.73 -10.27
N GLY B 174 -14.06 12.41 -10.03
CA GLY B 174 -13.24 12.13 -8.86
C GLY B 174 -12.08 11.20 -9.11
N VAL B 175 -11.94 10.64 -10.31
CA VAL B 175 -10.75 9.89 -10.69
C VAL B 175 -9.68 10.88 -11.14
N HIS B 176 -8.48 10.36 -11.38
CA HIS B 176 -7.28 11.17 -11.49
C HIS B 176 -6.59 10.88 -12.81
N ALA B 177 -5.89 11.89 -13.31
CA ALA B 177 -5.23 11.86 -14.61
C ALA B 177 -3.86 12.53 -14.53
N GLY B 178 -2.95 12.06 -15.38
CA GLY B 178 -1.59 12.56 -15.38
C GLY B 178 -0.80 12.06 -16.55
N THR B 179 0.52 12.22 -16.44
CA THR B 179 1.44 12.03 -17.55
C THR B 179 2.50 11.00 -17.20
N ASP B 180 3.26 10.61 -18.22
CA ASP B 180 4.51 9.91 -17.98
C ASP B 180 5.55 10.98 -17.63
N LEU B 181 6.78 10.59 -17.37
CA LEU B 181 7.79 11.55 -16.95
C LEU B 181 8.39 12.29 -18.15
N GLU B 182 7.95 12.00 -19.37
CA GLU B 182 8.21 12.84 -20.53
C GLU B 182 7.07 13.82 -20.81
N GLY B 183 6.07 13.89 -19.93
CA GLY B 183 5.02 14.88 -20.00
C GLY B 183 3.88 14.55 -20.92
N ASN B 184 3.81 13.32 -21.42
CA ASN B 184 2.73 12.88 -22.31
C ASN B 184 1.60 12.33 -21.48
N PHE B 185 0.43 12.95 -21.56
CA PHE B 185 -0.69 12.45 -20.78
C PHE B 185 -0.99 10.99 -21.13
N TYR B 186 -1.42 10.25 -20.12
CA TYR B 186 -2.16 9.01 -20.37
C TYR B 186 -3.58 9.39 -20.73
N GLY B 187 -4.05 8.92 -21.87
CA GLY B 187 -5.42 9.14 -22.27
C GLY B 187 -5.67 10.50 -22.88
N PRO B 188 -6.93 10.80 -23.16
CA PRO B 188 -7.26 11.97 -23.96
C PRO B 188 -7.50 13.23 -23.12
N PHE B 189 -6.53 13.54 -22.25
CA PHE B 189 -6.68 14.65 -21.32
C PHE B 189 -5.65 15.72 -21.63
N VAL B 190 -5.97 16.94 -21.21
CA VAL B 190 -5.10 18.09 -21.35
C VAL B 190 -5.05 18.81 -20.01
N ASP B 191 -3.93 19.52 -19.75
CA ASP B 191 -3.76 20.23 -18.48
C ASP B 191 -4.37 21.64 -18.54
N ARG B 192 -5.71 21.67 -18.54
CA ARG B 192 -6.52 22.87 -18.47
C ARG B 192 -7.67 22.64 -17.50
N GLN B 193 -8.08 23.70 -16.84
CA GLN B 193 -9.10 23.60 -15.79
C GLN B 193 -10.49 23.66 -16.42
N THR B 194 -10.71 22.71 -17.33
CA THR B 194 -11.98 22.48 -17.99
C THR B 194 -12.51 21.11 -17.61
N ALA B 195 -13.83 20.95 -17.69
CA ALA B 195 -14.45 19.66 -17.41
C ALA B 195 -14.15 18.70 -18.55
N GLN B 196 -13.56 17.56 -18.22
CA GLN B 196 -13.18 16.56 -19.21
C GLN B 196 -13.63 15.20 -18.73
N ALA B 197 -14.13 14.40 -19.65
CA ALA B 197 -14.71 13.10 -19.33
C ALA B 197 -13.79 11.99 -19.78
N ALA B 198 -13.67 10.96 -18.97
CA ALA B 198 -12.99 9.76 -19.42
C ALA B 198 -13.94 8.88 -20.23
N GLY B 199 -13.37 8.07 -21.11
CA GLY B 199 -14.16 7.05 -21.76
C GLY B 199 -14.72 6.05 -20.77
N THR B 200 -15.78 5.35 -21.17
CA THR B 200 -16.38 4.38 -20.27
C THR B 200 -15.32 3.37 -19.87
N ASP B 201 -15.26 3.07 -18.58
CA ASP B 201 -14.25 2.14 -18.12
C ASP B 201 -14.68 0.70 -18.40
N THR B 202 -13.69 -0.17 -18.44
CA THR B 202 -13.88 -1.60 -18.66
C THR B 202 -13.08 -2.39 -17.65
N THR B 203 -13.33 -3.69 -17.59
CA THR B 203 -12.63 -4.57 -16.67
C THR B 203 -11.33 -5.05 -17.30
N ILE B 204 -10.26 -5.09 -16.48
CA ILE B 204 -8.94 -5.45 -16.97
C ILE B 204 -8.80 -6.97 -17.00
N THR B 205 -9.09 -7.53 -18.16
CA THR B 205 -9.14 -8.98 -18.36
C THR B 205 -7.83 -9.66 -17.95
N VAL B 206 -6.69 -9.10 -18.36
CA VAL B 206 -5.42 -9.78 -18.09
C VAL B 206 -5.23 -9.92 -16.58
N ASN B 207 -5.69 -8.94 -15.82
CA ASN B 207 -5.54 -9.02 -14.37
C ASN B 207 -6.53 -10.00 -13.75
N VAL B 208 -7.75 -10.05 -14.26
CA VAL B 208 -8.66 -11.09 -13.77
C VAL B 208 -8.06 -12.47 -14.01
N LEU B 209 -7.50 -12.69 -15.19
CA LEU B 209 -6.88 -13.99 -15.47
C LEU B 209 -5.76 -14.25 -14.47
N ALA B 210 -4.95 -13.23 -14.19
CA ALA B 210 -3.88 -13.41 -13.21
C ALA B 210 -4.45 -13.83 -11.88
N TRP B 211 -5.54 -13.21 -11.47
CA TRP B 211 -6.24 -13.52 -10.24
C TRP B 211 -6.78 -14.95 -10.23
N LEU B 212 -7.31 -15.43 -11.36
CA LEU B 212 -7.76 -16.83 -11.43
C LEU B 212 -6.56 -17.78 -11.31
N TYR B 213 -5.44 -17.42 -11.91
CA TYR B 213 -4.22 -18.23 -11.74
C TYR B 213 -3.79 -18.26 -10.28
N ALA B 214 -3.84 -17.11 -9.60
CA ALA B 214 -3.52 -17.09 -8.19
C ALA B 214 -4.44 -18.01 -7.40
N ALA B 215 -5.73 -17.99 -7.74
CA ALA B 215 -6.69 -18.88 -7.07
C ALA B 215 -6.28 -20.34 -7.23
N VAL B 216 -5.90 -20.72 -8.45
CA VAL B 216 -5.48 -22.08 -8.72
C VAL B 216 -4.24 -22.42 -7.90
N ILE B 217 -3.28 -21.48 -7.84
CA ILE B 217 -2.04 -21.74 -7.10
C ILE B 217 -2.38 -22.06 -5.65
N ASN B 218 -3.41 -21.42 -5.11
CA ASN B 218 -3.81 -21.59 -3.73
C ASN B 218 -4.82 -22.72 -3.54
N GLY B 219 -5.07 -23.50 -4.59
CA GLY B 219 -5.90 -24.69 -4.49
C GLY B 219 -7.37 -24.48 -4.76
N ASP B 220 -7.78 -23.28 -5.15
CA ASP B 220 -9.18 -22.93 -5.39
C ASP B 220 -9.39 -22.98 -6.89
N ARG B 221 -9.86 -24.12 -7.41
CA ARG B 221 -9.87 -24.35 -8.84
C ARG B 221 -11.18 -24.96 -9.36
N TRP B 222 -12.30 -24.72 -8.68
CA TRP B 222 -13.58 -25.29 -9.12
C TRP B 222 -13.99 -24.80 -10.52
N PHE B 223 -13.51 -23.63 -10.94
CA PHE B 223 -13.95 -22.95 -12.15
C PHE B 223 -13.21 -23.42 -13.41
N LEU B 224 -12.18 -24.23 -13.27
CA LEU B 224 -11.49 -24.77 -14.43
C LEU B 224 -12.41 -25.74 -15.15
N ASN B 225 -12.58 -25.54 -16.46
CA ASN B 225 -13.43 -26.41 -17.27
C ASN B 225 -12.57 -27.14 -18.30
N ARG B 226 -13.22 -28.03 -19.06
CA ARG B 226 -12.50 -28.90 -19.99
C ARG B 226 -12.23 -28.26 -21.35
N PHE B 227 -12.71 -27.03 -21.59
CA PHE B 227 -12.74 -26.45 -22.92
C PHE B 227 -11.60 -25.45 -23.13
N THR B 228 -11.48 -24.98 -24.37
CA THR B 228 -10.54 -23.94 -24.73
C THR B 228 -11.22 -23.03 -25.74
N THR B 229 -10.49 -22.03 -26.19
CA THR B 229 -11.06 -21.03 -27.08
C THR B 229 -9.92 -20.45 -27.89
N THR B 230 -10.27 -19.75 -28.97
CA THR B 230 -9.28 -18.95 -29.64
C THR B 230 -9.24 -17.58 -28.97
N LEU B 231 -8.14 -16.88 -29.21
CA LEU B 231 -8.01 -15.55 -28.65
C LEU B 231 -9.05 -14.60 -29.25
N ASN B 232 -9.25 -14.68 -30.57
CA ASN B 232 -10.25 -13.81 -31.19
C ASN B 232 -11.66 -14.11 -30.66
N ASP B 233 -12.06 -15.37 -30.59
CA ASP B 233 -13.38 -15.67 -30.06
C ASP B 233 -13.53 -15.16 -28.65
N PHE B 234 -12.50 -15.35 -27.82
CA PHE B 234 -12.60 -14.86 -26.45
C PHE B 234 -12.75 -13.34 -26.42
N ASN B 235 -11.97 -12.65 -27.24
CA ASN B 235 -12.01 -11.18 -27.20
C ASN B 235 -13.39 -10.65 -27.60
N LEU B 236 -14.01 -11.27 -28.59
CA LEU B 236 -15.33 -10.84 -29.04
C LEU B 236 -16.38 -11.06 -27.96
N VAL B 237 -16.33 -12.20 -27.27
CA VAL B 237 -17.23 -12.43 -26.14
C VAL B 237 -16.93 -11.44 -25.01
N ALA B 238 -15.65 -11.30 -24.64
CA ALA B 238 -15.29 -10.47 -23.49
C ALA B 238 -15.84 -9.05 -23.64
N MET B 239 -15.78 -8.52 -24.86
CA MET B 239 -16.24 -7.15 -25.09
C MET B 239 -17.73 -7.01 -24.80
N LYS B 240 -18.52 -8.06 -25.02
CA LYS B 240 -19.95 -7.98 -24.71
C LYS B 240 -20.21 -7.88 -23.21
N TYR B 241 -19.23 -8.21 -22.36
CA TYR B 241 -19.35 -8.10 -20.92
C TYR B 241 -18.56 -6.93 -20.35
N ASN B 242 -18.11 -6.01 -21.19
CA ASN B 242 -17.36 -4.80 -20.81
C ASN B 242 -16.00 -5.16 -20.23
N TYR B 243 -15.48 -6.28 -20.69
CA TYR B 243 -14.10 -6.67 -20.42
C TYR B 243 -13.22 -6.23 -21.58
N GLU B 244 -11.99 -5.85 -21.27
CA GLU B 244 -11.03 -5.51 -22.30
C GLU B 244 -10.67 -6.71 -23.16
N PRO B 245 -10.41 -6.52 -24.45
CA PRO B 245 -9.78 -7.59 -25.22
C PRO B 245 -8.34 -7.78 -24.81
N LEU B 246 -7.84 -8.99 -25.00
CA LEU B 246 -6.46 -9.30 -24.72
C LEU B 246 -5.59 -8.97 -25.91
N THR B 247 -4.39 -8.51 -25.62
CA THR B 247 -3.35 -8.34 -26.60
C THR B 247 -2.39 -9.51 -26.54
N GLN B 248 -1.51 -9.57 -27.55
CA GLN B 248 -0.43 -10.57 -27.51
C GLN B 248 0.46 -10.36 -26.29
N ASP B 249 0.71 -9.10 -25.90
CA ASP B 249 1.56 -8.83 -24.73
C ASP B 249 0.92 -9.36 -23.46
N HIS B 250 -0.41 -9.26 -23.36
CA HIS B 250 -1.14 -9.85 -22.24
C HIS B 250 -0.96 -11.36 -22.19
N VAL B 251 -1.08 -12.02 -23.33
CA VAL B 251 -0.88 -13.46 -23.36
C VAL B 251 0.53 -13.77 -22.87
N ASP B 252 1.51 -12.97 -23.28
CA ASP B 252 2.90 -13.25 -22.92
C ASP B 252 3.15 -13.03 -21.44
N ILE B 253 2.58 -11.98 -20.85
CA ILE B 253 2.89 -11.74 -19.45
C ILE B 253 2.15 -12.69 -18.53
N LEU B 254 1.18 -13.46 -19.04
CA LEU B 254 0.58 -14.57 -18.30
C LEU B 254 1.42 -15.85 -18.40
N GLY B 255 2.46 -15.84 -19.22
CA GLY B 255 3.27 -17.02 -19.47
C GLY B 255 3.77 -17.67 -18.19
N PRO B 256 4.35 -16.90 -17.30
CA PRO B 256 4.93 -17.52 -16.10
C PRO B 256 3.88 -18.21 -15.23
N LEU B 257 2.69 -17.61 -15.10
CA LEU B 257 1.65 -18.20 -14.27
C LEU B 257 1.06 -19.43 -14.94
N SER B 258 0.93 -19.37 -16.27
CA SER B 258 0.52 -20.54 -17.04
C SER B 258 1.51 -21.67 -16.86
N ALA B 259 2.81 -21.35 -16.84
CA ALA B 259 3.80 -22.40 -16.68
C ALA B 259 3.79 -22.96 -15.26
N GLN B 260 3.58 -22.09 -14.28
CA GLN B 260 3.56 -22.49 -12.87
C GLN B 260 2.40 -23.44 -12.59
N THR B 261 1.26 -23.24 -13.26
CA THR B 261 0.05 -24.04 -13.03
C THR B 261 -0.19 -25.12 -14.08
N GLY B 262 0.48 -25.06 -15.21
CA GLY B 262 0.22 -25.99 -16.29
C GLY B 262 -1.10 -25.77 -17.01
N ILE B 263 -1.72 -24.62 -16.80
CA ILE B 263 -2.97 -24.26 -17.45
C ILE B 263 -2.66 -23.27 -18.56
N ALA B 264 -2.89 -23.68 -19.81
CA ALA B 264 -2.69 -22.81 -20.95
C ALA B 264 -3.53 -21.55 -20.81
N VAL B 265 -2.97 -20.43 -21.29
CA VAL B 265 -3.67 -19.16 -21.21
C VAL B 265 -5.05 -19.26 -21.82
N LEU B 266 -5.16 -19.89 -22.99
CA LEU B 266 -6.45 -19.93 -23.69
C LEU B 266 -7.45 -20.85 -23.00
N ASP B 267 -6.97 -21.88 -22.29
CA ASP B 267 -7.86 -22.65 -21.43
C ASP B 267 -8.38 -21.83 -20.27
N MET B 268 -7.52 -21.00 -19.65
CA MET B 268 -8.05 -20.13 -18.61
C MET B 268 -9.04 -19.14 -19.20
N CYS B 269 -8.80 -18.66 -20.41
CA CYS B 269 -9.77 -17.77 -21.04
C CYS B 269 -11.12 -18.45 -21.19
N ALA B 270 -11.12 -19.74 -21.53
CA ALA B 270 -12.39 -20.45 -21.67
C ALA B 270 -13.10 -20.55 -20.32
N SER B 271 -12.33 -20.77 -19.24
CA SER B 271 -12.92 -20.80 -17.89
C SER B 271 -13.53 -19.45 -17.53
N LEU B 272 -12.83 -18.36 -17.85
CA LEU B 272 -13.36 -17.05 -17.55
C LEU B 272 -14.63 -16.81 -18.36
N LYS B 273 -14.60 -17.17 -19.63
CA LYS B 273 -15.78 -16.99 -20.48
C LYS B 273 -16.99 -17.69 -19.88
N GLU B 274 -16.80 -18.89 -19.33
CA GLU B 274 -17.93 -19.57 -18.67
C GLU B 274 -18.39 -18.79 -17.45
N LEU B 275 -17.46 -18.21 -16.67
CA LEU B 275 -17.87 -17.40 -15.55
C LEU B 275 -18.67 -16.19 -16.02
N LEU B 276 -18.22 -15.55 -17.10
CA LEU B 276 -18.93 -14.39 -17.61
C LEU B 276 -20.33 -14.78 -18.05
N GLN B 277 -20.45 -15.88 -18.79
CA GLN B 277 -21.73 -16.28 -19.36
C GLN B 277 -22.65 -16.90 -18.31
N ASN B 278 -22.12 -17.73 -17.42
CA ASN B 278 -22.94 -18.45 -16.46
C ASN B 278 -22.97 -17.84 -15.08
N GLY B 279 -22.17 -16.81 -14.82
CA GLY B 279 -22.05 -16.29 -13.47
C GLY B 279 -21.37 -17.27 -12.52
N MET B 280 -21.23 -16.84 -11.27
CA MET B 280 -20.58 -17.65 -10.24
C MET B 280 -21.51 -18.70 -9.62
N ASN B 281 -22.82 -18.59 -9.82
CA ASN B 281 -23.78 -19.52 -9.24
C ASN B 281 -23.62 -19.60 -7.72
N GLY B 282 -23.33 -18.45 -7.11
CA GLY B 282 -23.24 -18.35 -5.67
C GLY B 282 -21.92 -18.77 -5.06
N ARG B 283 -20.95 -19.17 -5.87
CA ARG B 283 -19.66 -19.61 -5.35
C ARG B 283 -18.74 -18.41 -5.19
N THR B 284 -17.65 -18.62 -4.46
CA THR B 284 -16.61 -17.61 -4.32
C THR B 284 -15.29 -18.13 -4.88
N ILE B 285 -14.43 -17.19 -5.22
CA ILE B 285 -13.07 -17.49 -5.66
C ILE B 285 -12.14 -16.68 -4.78
N LEU B 286 -11.20 -17.37 -4.13
CA LEU B 286 -10.32 -16.72 -3.18
C LEU B 286 -11.13 -15.93 -2.15
N GLY B 287 -12.24 -16.51 -1.71
CA GLY B 287 -13.07 -15.85 -0.72
C GLY B 287 -13.57 -14.51 -1.21
N SER B 288 -14.25 -14.54 -2.36
CA SER B 288 -14.85 -13.35 -2.93
C SER B 288 -15.79 -13.78 -4.05
N ALA B 289 -17.00 -13.21 -4.10
CA ALA B 289 -17.89 -13.43 -5.23
C ALA B 289 -17.59 -12.46 -6.36
N LEU B 290 -16.70 -11.50 -6.15
CA LEU B 290 -16.32 -10.54 -7.17
C LEU B 290 -14.95 -10.91 -7.75
N LEU B 291 -14.83 -10.78 -9.07
CA LEU B 291 -13.56 -10.98 -9.75
C LEU B 291 -12.71 -9.73 -9.64
N GLU B 292 -11.50 -9.88 -9.12
CA GLU B 292 -10.58 -8.76 -8.90
C GLU B 292 -9.78 -8.47 -10.16
N ASP B 293 -9.65 -7.17 -10.53
CA ASP B 293 -8.91 -6.81 -11.73
C ASP B 293 -7.79 -5.80 -11.48
N GLU B 294 -7.33 -5.63 -10.24
CA GLU B 294 -6.24 -4.69 -9.98
C GLU B 294 -4.96 -5.38 -9.50
N PHE B 295 -4.80 -6.68 -9.75
CA PHE B 295 -3.56 -7.41 -9.50
C PHE B 295 -3.02 -7.93 -10.82
N THR B 296 -1.87 -7.43 -11.21
CA THR B 296 -1.22 -7.87 -12.42
C THR B 296 -0.59 -9.24 -12.22
N PRO B 297 -0.18 -9.87 -13.32
CA PRO B 297 0.56 -11.13 -13.19
C PRO B 297 1.81 -10.95 -12.35
N PHE B 298 2.49 -9.80 -12.43
CA PHE B 298 3.68 -9.59 -11.61
C PHE B 298 3.31 -9.39 -10.13
N ASP B 299 2.21 -8.69 -9.87
CA ASP B 299 1.72 -8.56 -8.49
C ASP B 299 1.44 -9.92 -7.87
N VAL B 300 0.88 -10.86 -8.65
CA VAL B 300 0.61 -12.17 -8.12
C VAL B 300 1.90 -12.86 -7.74
N VAL B 301 2.90 -12.76 -8.60
CA VAL B 301 4.21 -13.35 -8.31
C VAL B 301 4.85 -12.66 -7.12
N ARG B 302 4.81 -11.32 -7.07
CA ARG B 302 5.36 -10.58 -5.92
C ARG B 302 4.81 -11.10 -4.60
N GLN B 303 3.50 -11.26 -4.52
CA GLN B 303 2.87 -11.58 -3.24
C GLN B 303 3.03 -13.05 -2.89
N CYS B 304 2.84 -13.95 -3.85
CA CYS B 304 2.83 -15.37 -3.58
C CYS B 304 4.25 -15.93 -3.41
N SER B 305 5.25 -15.23 -3.90
CA SER B 305 6.65 -15.54 -3.63
C SER B 305 7.36 -14.29 -3.07
C01 IRW C . 9.90 -16.28 10.16
C03 IRW C . 8.75 -17.23 9.95
C04 IRW C . 7.55 -16.48 9.21
C05 IRW C . 6.39 -17.36 8.78
C06 IRW C . 5.23 -16.57 8.12
C08 IRW C . 5.58 -18.50 6.70
C09 IRW C . 6.75 -18.44 7.72
C12 IRW C . 8.00 -19.11 11.44
C13 IRW C . 7.52 -19.50 12.89
C14 IRW C . 8.75 -19.93 13.71
C15 IRW C . 8.40 -20.30 15.15
C16 IRW C . 9.61 -20.97 15.89
C17 IRW C . 7.87 -19.13 15.96
C19 IRW C . 5.55 -20.55 11.83
C21 IRW C . 3.69 -21.60 10.73
C22 IRW C . 2.85 -22.89 10.63
C23 IRW C . 2.46 -23.73 11.91
C24 IRW C . 1.42 -23.04 11.09
C25 IRW C . 2.50 -25.22 12.18
C26 IRW C . 3.52 -25.69 13.05
C27 IRW C . 3.70 -27.05 13.38
C28 IRW C . 2.86 -28.04 12.84
C30 IRW C . 2.98 -29.85 14.50
C31 IRW C . 1.85 -27.60 11.95
C32 IRW C . 1.71 -26.23 11.65
N07 IRW C . 4.83 -17.27 6.98
N11 IRW C . 8.30 -17.75 11.24
N18 IRW C . 6.57 -20.61 12.73
O02 IRW C . 10.31 -15.77 8.94
O10 IRW C . 4.76 -15.57 8.53
O20 IRW C . 4.94 -21.73 11.43
O29 IRW C . 3.05 -29.39 13.15
O33 IRW C . 5.17 -19.48 11.39
O34 IRW C . 8.08 -19.94 10.60
C01 ITX D . 9.93 -16.27 10.18
C03 ITX D . 8.74 -17.19 9.90
C04 ITX D . 7.58 -16.42 9.14
C05 ITX D . 6.41 -17.30 8.74
C06 ITX D . 5.23 -16.53 8.11
C08 ITX D . 5.57 -18.48 6.71
C09 ITX D . 6.74 -18.41 7.71
C12 ITX D . 8.38 -19.08 11.50
C13 ITX D . 7.74 -19.53 12.84
C14 ITX D . 8.87 -19.91 13.78
C15 ITX D . 8.41 -20.31 15.16
C16 ITX D . 9.57 -20.99 15.96
C17 ITX D . 7.82 -19.16 15.97
C19 ITX D . 5.71 -20.55 11.81
C21 ITX D . 3.75 -21.58 10.80
C22 ITX D . 2.92 -22.87 10.67
C23 ITX D . 2.48 -23.72 11.93
C24 ITX D . 1.48 -23.02 11.08
C25 ITX D . 2.52 -25.21 12.19
C26 ITX D . 3.53 -25.70 13.06
C27 ITX D . 3.70 -27.05 13.38
C28 ITX D . 2.86 -28.04 12.83
C30 ITX D . 2.98 -29.85 14.49
C31 ITX D . 1.86 -27.58 11.95
C32 ITX D . 1.72 -26.22 11.65
N07 ITX D . 4.80 -17.25 6.99
N11 ITX D . 8.21 -17.74 11.13
N18 ITX D . 6.84 -20.68 12.59
O02 ITX D . 10.90 -17.04 10.83
O10 ITX D . 4.75 -15.53 8.51
O20 ITX D . 5.04 -21.71 11.42
O29 ITX D . 3.04 -29.38 13.14
O33 ITX D . 5.31 -19.45 11.48
O34 ITX D . 8.98 -19.88 10.83
CL CL E . -7.16 -15.67 -32.66
C01 IRW F . -2.42 19.80 -8.53
C03 IRW F . -3.94 19.68 -8.66
C04 IRW F . -4.47 18.29 -8.09
C05 IRW F . -5.99 18.18 -8.00
C06 IRW F . -6.50 16.76 -7.71
C08 IRW F . -7.61 18.17 -6.08
C09 IRW F . -6.65 19.07 -6.92
C12 IRW F . -5.25 20.78 -10.48
C13 IRW F . -5.60 20.84 -12.00
C14 IRW F . -4.83 22.03 -12.64
C15 IRW F . -5.04 22.17 -14.15
C16 IRW F . -4.22 23.30 -14.79
C17 IRW F . -4.81 20.89 -14.94
C19 IRW F . -7.98 20.18 -11.36
C21 IRW F . -10.27 19.67 -10.63
C22 IRW F . -11.75 19.93 -11.01
C23 IRW F . -12.38 19.79 -12.47
C24 IRW F . -12.69 18.82 -11.37
N07 IRW F . -7.40 16.84 -6.64
N11 IRW F . -4.34 19.81 -10.06
N18 IRW F . -7.08 20.98 -12.13
O02 IRW F . -2.08 19.64 -7.19
O10 IRW F . -6.17 15.78 -8.28
O20 IRW F . -9.30 20.62 -11.15
O33 IRW F . -7.62 19.14 -10.88
O34 IRW F . -5.75 21.54 -9.73
C01 ITX G . -2.38 19.73 -8.43
C03 ITX G . -3.94 19.60 -8.50
C04 ITX G . -4.41 18.18 -7.95
C05 ITX G . -5.92 17.95 -7.92
C06 ITX G . -6.33 16.59 -7.31
C08 ITX G . -7.72 18.23 -6.20
C09 ITX G . -6.73 18.99 -7.11
C12 ITX G . -5.27 20.76 -10.32
C13 ITX G . -5.59 20.85 -11.85
C14 ITX G . -4.76 22.00 -12.51
C15 ITX G . -5.03 22.17 -14.01
C16 ITX G . -4.25 23.32 -14.67
C17 ITX G . -4.84 20.89 -14.83
C19 ITX G . -8.01 20.09 -11.71
C21 ITX G . -10.27 19.65 -10.79
C22 ITX G . -11.78 19.91 -11.07
C23 ITX G . -12.46 19.80 -12.51
C24 ITX G . -12.74 18.81 -11.42
N07 ITX G . -7.34 16.83 -6.36
N11 ITX G . -4.36 19.77 -9.90
N18 ITX G . -7.06 21.08 -12.03
O02 ITX G . -2.06 21.01 -8.87
O10 ITX G . -5.86 15.54 -7.58
O20 ITX G . -9.36 20.45 -11.59
O33 ITX G . -7.66 18.95 -11.53
O34 ITX G . -5.78 21.53 -9.55
O1 PG4 H . 19.84 21.31 -1.97
C1 PG4 H . 19.50 20.81 -0.65
C2 PG4 H . 19.03 19.38 -0.68
O2 PG4 H . 19.74 18.51 0.18
C3 PG4 H . 19.75 17.17 -0.32
C4 PG4 H . 18.37 16.58 -0.43
O3 PG4 H . 18.44 15.32 -1.10
C5 PG4 H . 17.16 15.07 -1.67
C6 PG4 H . 16.16 14.78 -0.59
O4 PG4 H . 14.96 15.52 -0.77
C7 PG4 H . 13.93 14.86 -0.07
C8 PG4 H . 14.06 15.01 1.41
O5 PG4 H . 13.95 16.38 1.76
#